data_9VCK
#
_entry.id   9VCK
#
_cell.length_a   1.00
_cell.length_b   1.00
_cell.length_c   1.00
_cell.angle_alpha   90.00
_cell.angle_beta   90.00
_cell.angle_gamma   90.00
#
_symmetry.space_group_name_H-M   'P 1'
#
loop_
_entity.id
_entity.type
_entity.pdbx_description
1 polymer 'Non-structural protein 10'
2 polymer 'Guanine-N7 methyltransferase nsp14'
3 polymer 'RNA (26-MER)'
4 polymer 'RNA (28-MER)'
5 non-polymer 'ZINC ION'
6 non-polymer 'CALCIUM ION'
7 non-polymer '[(2~{R},3~{R},4~{R},5~{R})-5-[2,4-bis(oxidanylidene)pyrimidin-1-yl]-4-fluoranyl-4-methyl-3-oxidanyl-oxolan-2-yl]methyl dihydrogen phosphate'
#
loop_
_entity_poly.entity_id
_entity_poly.type
_entity_poly.pdbx_seq_one_letter_code
_entity_poly.pdbx_strand_id
1 'polypeptide(L)'
;AGNATEVPANSTVLSFCAFAVDAAKAYKDYLASGGQPITNCVKMLCTHTGTGQAITVTPEANMDQESFGGASCCLYCRCH
IDHPNPKGFCDLKGKYVQIPTTCANDPVGFTLKNTVCTVCGMWKGYGCSCD
;
A
2 'polypeptide(L)'
;ENVTGLFKDCSKVITGLHPTQAPTHLSVDTKFKTEGLCVDIPGIPKDMTYRRLISMMGFKMNYQVNGYPNMFITREEAIR
HVRAWIGFDVEGCHATREAVGTNLPLQLGFSTGVNLVAVPTGYVDTPNNTDFSRVSAKPPPGDQFKHLIPLMYKGLPWNV
VRIKIVQMLSDTLKNLSDRVVFVLWAHGFELTSMKYFVKIGPERTCCLCDRRATCFSTASDTYACWHHSIGFDYVYNPFM
IDVQQWGFTGNLQSNHDLYCQVHGNAHVASCDAIMTRCLAVHECFVKRVDWTIEYPIIGDELKINAACRKVQHMVVKAAL
LADKFPVLHDIGNPKAIKCVPQADVEWKFYDAQPCSDKAYKIEELFYSYATHSDKFTDGVCLFWNCNVDRYPANSIVCRF
DTRVLSNLNLPGCDGGSLYVNKHAFHTPAFDKSAFVNLKQLPFFYYSDSPCESHGKQVVSDIDYVPLKSATCITRCNLGG
AVCRHHANEYRLYLDAYNMMISAGFSLWVYKQFDTYNLWNTF
;
B
3 'polyribonucleotide' UUCUCCUAAGAAGCUAUUAAAAUCAC P
4 'polyribonucleotide' AAGUGAUUUUAAUAGCUUCUUAGGAUGA T
#
loop_
_chem_comp.id
_chem_comp.type
_chem_comp.name
_chem_comp.formula
A RNA linking ADENOSINE-5'-MONOPHOSPHATE 'C10 H14 N5 O7 P'
C RNA linking CYTIDINE-5'-MONOPHOSPHATE 'C9 H14 N3 O8 P'
CA non-polymer 'CALCIUM ION' 'Ca 2'
G RNA linking GUANOSINE-5'-MONOPHOSPHATE 'C10 H14 N5 O8 P'
K5X non-polymer '[(2~{R},3~{R},4~{R},5~{R})-5-[2,4-bis(oxidanylidene)pyrimidin-1-yl]-4-fluoranyl-4-methyl-3-oxidanyl-oxolan-2-yl]methyl dihydrogen phosphate' 'C10 H14 F N2 O8 P'
U RNA linking URIDINE-5'-MONOPHOSPHATE 'C9 H13 N2 O9 P'
ZN non-polymer 'ZINC ION' 'Zn 2'
#
# COMPACT_ATOMS: atom_id res chain seq x y z
CA ALA A 1 21.23 19.85 -16.37
C ALA A 1 20.96 18.38 -16.68
N GLY A 2 21.89 17.74 -17.36
CA GLY A 2 21.71 16.36 -17.76
C GLY A 2 20.89 16.23 -19.03
N ASN A 3 21.41 15.44 -19.96
CA ASN A 3 20.85 15.38 -21.31
C ASN A 3 19.69 14.39 -21.34
N ALA A 4 18.65 14.72 -22.11
CA ALA A 4 17.43 13.92 -22.12
C ALA A 4 17.30 13.21 -23.46
N THR A 5 16.70 12.01 -23.45
CA THR A 5 16.66 11.19 -24.64
C THR A 5 15.34 10.47 -24.86
N GLU A 6 14.21 10.94 -24.31
CA GLU A 6 12.95 10.26 -24.54
C GLU A 6 11.81 11.23 -24.72
N VAL A 7 10.81 10.80 -25.49
CA VAL A 7 9.62 11.59 -25.81
C VAL A 7 8.49 11.23 -24.86
N PRO A 8 7.56 12.13 -24.58
CA PRO A 8 6.44 11.79 -23.69
C PRO A 8 5.56 10.66 -24.22
N ALA A 9 5.67 10.30 -25.50
CA ALA A 9 4.83 9.24 -26.03
C ALA A 9 5.28 7.88 -25.52
N ASN A 10 6.59 7.70 -25.36
CA ASN A 10 7.14 6.43 -24.91
C ASN A 10 7.15 6.28 -23.40
N SER A 11 6.60 7.24 -22.67
CA SER A 11 6.61 7.17 -21.21
C SER A 11 5.84 5.97 -20.70
N THR A 12 4.66 5.70 -21.27
CA THR A 12 3.81 4.65 -20.71
C THR A 12 4.34 3.26 -21.05
N VAL A 13 4.82 3.05 -22.27
CA VAL A 13 5.22 1.70 -22.66
C VAL A 13 6.58 1.35 -22.08
N LEU A 14 7.44 2.34 -21.86
CA LEU A 14 8.71 2.07 -21.19
C LEU A 14 8.50 1.77 -19.72
N SER A 15 7.50 2.40 -19.10
CA SER A 15 7.21 2.14 -17.70
C SER A 15 6.64 0.74 -17.52
N PHE A 16 5.88 0.26 -18.49
CA PHE A 16 5.30 -1.07 -18.39
C PHE A 16 6.37 -2.14 -18.48
N CYS A 17 7.30 -2.01 -19.43
CA CYS A 17 8.32 -3.02 -19.58
C CYS A 17 9.37 -2.96 -18.47
N ALA A 18 9.52 -1.80 -17.82
CA ALA A 18 10.47 -1.70 -16.72
C ALA A 18 10.09 -2.61 -15.57
N PHE A 19 8.84 -2.53 -15.12
CA PHE A 19 8.30 -3.45 -14.12
C PHE A 19 7.63 -4.58 -14.88
N ALA A 20 8.38 -5.62 -15.20
CA ALA A 20 7.80 -6.73 -15.92
C ALA A 20 8.66 -7.96 -15.73
N VAL A 21 8.10 -9.01 -15.13
CA VAL A 21 8.86 -10.25 -14.98
C VAL A 21 9.02 -10.93 -16.32
N ASP A 22 8.06 -10.78 -17.21
CA ASP A 22 8.15 -11.35 -18.56
C ASP A 22 8.06 -10.17 -19.52
N ALA A 23 9.21 -9.57 -19.82
CA ALA A 23 9.22 -8.41 -20.70
C ALA A 23 8.80 -8.78 -22.12
N ALA A 24 9.02 -10.03 -22.50
CA ALA A 24 8.59 -10.48 -23.82
C ALA A 24 7.08 -10.40 -23.96
N LYS A 25 6.36 -11.15 -23.13
CA LYS A 25 4.90 -11.10 -23.18
C LYS A 25 4.37 -9.70 -22.86
N ALA A 26 5.04 -8.98 -21.95
CA ALA A 26 4.55 -7.68 -21.53
C ALA A 26 4.37 -6.74 -22.72
N TYR A 27 5.40 -6.61 -23.54
CA TYR A 27 5.29 -5.77 -24.73
C TYR A 27 4.30 -6.37 -25.73
N LYS A 28 4.37 -7.68 -25.94
CA LYS A 28 3.42 -8.33 -26.82
C LYS A 28 1.99 -8.13 -26.33
N ASP A 29 1.78 -8.12 -25.02
CA ASP A 29 0.44 -7.93 -24.49
C ASP A 29 0.08 -6.45 -24.40
N TYR A 30 1.03 -5.57 -24.71
CA TYR A 30 0.68 -4.17 -24.94
C TYR A 30 0.12 -3.98 -26.34
N LEU A 31 0.88 -4.39 -27.35
CA LEU A 31 0.38 -4.33 -28.73
C LEU A 31 -0.89 -5.15 -28.88
N ALA A 32 -1.06 -6.19 -28.06
CA ALA A 32 -2.29 -6.96 -28.09
C ALA A 32 -3.50 -6.09 -27.84
N SER A 33 -3.47 -5.28 -26.79
CA SER A 33 -4.54 -4.31 -26.55
C SER A 33 -4.20 -2.98 -27.24
N GLY A 34 -3.90 -3.10 -28.53
CA GLY A 34 -3.75 -1.98 -29.43
C GLY A 34 -3.03 -0.75 -28.92
N GLY A 35 -2.05 -0.93 -28.05
CA GLY A 35 -1.19 0.16 -27.65
C GLY A 35 -0.33 0.55 -28.83
N GLN A 36 -0.01 1.83 -28.93
CA GLN A 36 0.77 2.27 -30.07
C GLN A 36 2.19 1.74 -29.98
N PRO A 37 2.84 1.46 -31.10
CA PRO A 37 4.17 0.84 -31.04
C PRO A 37 5.23 1.82 -30.56
N ILE A 38 6.36 1.26 -30.15
CA ILE A 38 7.43 2.07 -29.59
C ILE A 38 8.02 2.97 -30.67
N THR A 39 8.26 4.22 -30.32
CA THR A 39 8.60 5.25 -31.30
C THR A 39 9.98 5.82 -31.04
N ASN A 40 10.45 6.60 -32.01
CA ASN A 40 11.75 7.27 -31.97
C ASN A 40 12.89 6.28 -31.99
N CYS A 41 12.72 5.17 -32.70
CA CYS A 41 13.80 4.23 -32.89
C CYS A 41 14.81 4.77 -33.88
N VAL A 42 16.10 4.57 -33.58
CA VAL A 42 17.14 5.08 -34.46
C VAL A 42 16.99 4.45 -35.83
N LYS A 43 17.26 5.24 -36.86
CA LYS A 43 17.10 4.76 -38.23
C LYS A 43 18.31 5.16 -39.04
N MET A 44 18.53 4.42 -40.14
CA MET A 44 19.76 4.54 -40.90
C MET A 44 19.45 4.84 -42.36
N LEU A 45 19.97 5.95 -42.86
CA LEU A 45 19.89 6.32 -44.27
C LEU A 45 20.84 5.40 -45.00
N CYS A 46 20.44 4.16 -45.15
CA CYS A 46 21.24 3.16 -45.82
C CYS A 46 21.18 3.38 -47.32
N THR A 47 22.33 3.18 -47.98
CA THR A 47 22.36 3.21 -49.43
C THR A 47 21.38 2.24 -50.04
N HIS A 48 20.96 1.24 -49.27
CA HIS A 48 19.76 0.44 -49.45
C HIS A 48 19.91 -0.59 -50.56
N THR A 49 21.02 -0.59 -51.29
CA THR A 49 21.33 -1.61 -52.28
C THR A 49 22.61 -2.32 -51.83
N GLY A 50 22.44 -3.41 -51.08
CA GLY A 50 23.60 -4.08 -50.53
C GLY A 50 23.23 -5.48 -50.08
N THR A 51 24.25 -6.19 -49.60
CA THR A 51 24.11 -7.59 -49.22
C THR A 51 23.04 -7.76 -48.15
N GLY A 52 21.98 -8.51 -48.49
CA GLY A 52 20.94 -8.76 -47.52
C GLY A 52 21.36 -9.84 -46.54
N GLN A 53 21.37 -9.49 -45.25
CA GLN A 53 21.71 -10.44 -44.21
C GLN A 53 20.96 -10.06 -42.95
N ALA A 54 20.91 -10.99 -42.00
CA ALA A 54 20.09 -10.79 -40.81
C ALA A 54 20.59 -9.61 -39.98
N ILE A 55 21.78 -9.72 -39.42
CA ILE A 55 22.39 -8.65 -38.64
C ILE A 55 23.80 -8.44 -39.15
N THR A 56 24.23 -7.19 -39.24
CA THR A 56 25.52 -6.89 -39.83
C THR A 56 26.24 -5.80 -39.05
N VAL A 57 27.55 -5.98 -38.87
CA VAL A 57 28.39 -4.98 -38.24
C VAL A 57 28.53 -3.73 -39.09
N THR A 58 28.27 -3.82 -40.39
CA THR A 58 28.37 -2.69 -41.31
C THR A 58 27.00 -2.43 -41.92
N PRO A 59 26.66 -1.17 -42.18
CA PRO A 59 25.35 -0.85 -42.75
C PRO A 59 25.16 -1.48 -44.13
N GLU A 60 24.07 -2.19 -44.31
CA GLU A 60 23.77 -2.87 -45.57
C GLU A 60 22.25 -3.05 -45.64
N ALA A 61 21.73 -3.18 -46.85
CA ALA A 61 20.28 -3.32 -47.05
C ALA A 61 20.00 -3.67 -48.50
N ASN A 62 18.82 -4.27 -48.72
CA ASN A 62 18.32 -4.59 -50.05
C ASN A 62 17.08 -3.75 -50.32
N MET A 63 16.53 -3.91 -51.53
CA MET A 63 15.24 -3.32 -51.83
C MET A 63 14.18 -3.74 -50.83
N ASP A 64 14.17 -5.02 -50.44
CA ASP A 64 13.18 -5.53 -49.50
C ASP A 64 13.55 -5.28 -48.04
N GLN A 65 14.73 -4.69 -47.78
CA GLN A 65 15.27 -4.60 -46.43
C GLN A 65 15.38 -3.15 -45.99
N GLU A 66 15.39 -2.95 -44.68
CA GLU A 66 15.56 -1.64 -44.06
C GLU A 66 16.49 -1.77 -42.87
N SER A 67 17.52 -0.93 -42.83
CA SER A 67 18.59 -1.08 -41.84
C SER A 67 18.39 -0.14 -40.67
N PHE A 68 18.62 -0.65 -39.46
CA PHE A 68 18.34 0.07 -38.24
C PHE A 68 19.57 0.09 -37.33
N GLY A 69 19.51 0.97 -36.33
CA GLY A 69 20.51 0.97 -35.29
C GLY A 69 20.33 -0.21 -34.36
N GLY A 70 21.45 -0.82 -33.98
CA GLY A 70 21.39 -2.05 -33.22
C GLY A 70 20.82 -1.92 -31.83
N ALA A 71 21.43 -1.11 -30.98
CA ALA A 71 21.01 -1.01 -29.59
C ALA A 71 19.60 -0.49 -29.42
N SER A 72 18.95 -0.07 -30.49
CA SER A 72 17.61 0.49 -30.38
C SER A 72 16.53 -0.57 -30.46
N CYS A 73 16.78 -1.71 -31.10
CA CYS A 73 15.75 -2.72 -31.25
C CYS A 73 15.71 -3.70 -30.09
N CYS A 74 16.73 -3.76 -29.26
CA CYS A 74 16.70 -4.61 -28.08
C CYS A 74 15.75 -3.98 -27.07
N LEU A 75 14.55 -4.54 -26.95
CA LEU A 75 13.61 -4.06 -25.95
C LEU A 75 14.24 -4.05 -24.58
N TYR A 76 15.10 -5.03 -24.29
CA TYR A 76 15.79 -5.03 -23.00
C TYR A 76 16.68 -3.82 -22.86
N CYS A 77 17.60 -3.61 -23.82
CA CYS A 77 18.49 -2.46 -23.75
C CYS A 77 17.71 -1.16 -23.82
N ARG A 78 16.66 -1.11 -24.64
CA ARG A 78 15.84 0.09 -24.71
C ARG A 78 15.17 0.39 -23.38
N CYS A 79 14.79 -0.65 -22.64
CA CYS A 79 14.15 -0.48 -21.36
C CYS A 79 15.14 -0.56 -20.19
N HIS A 80 16.41 -0.82 -20.47
CA HIS A 80 17.47 -0.87 -19.46
C HIS A 80 17.21 -1.95 -18.42
N ILE A 81 17.18 -3.21 -18.86
CA ILE A 81 17.01 -4.33 -17.96
C ILE A 81 18.02 -5.41 -18.32
N ASP A 82 17.98 -6.51 -17.57
CA ASP A 82 18.92 -7.59 -17.75
C ASP A 82 18.55 -8.45 -18.94
N HIS A 83 19.55 -9.03 -19.57
CA HIS A 83 19.35 -9.83 -20.77
C HIS A 83 19.20 -11.30 -20.40
N PRO A 84 18.15 -11.98 -20.84
CA PRO A 84 17.91 -13.37 -20.38
C PRO A 84 18.82 -14.40 -21.03
N ASN A 85 19.90 -13.97 -21.68
CA ASN A 85 20.83 -14.91 -22.27
C ASN A 85 21.99 -15.16 -21.29
N PRO A 86 22.90 -16.08 -21.61
CA PRO A 86 24.13 -16.19 -20.83
C PRO A 86 25.19 -15.26 -21.38
N LYS A 87 26.27 -15.11 -20.61
CA LYS A 87 27.31 -14.11 -20.81
C LYS A 87 26.78 -12.72 -20.53
N GLY A 88 25.49 -12.61 -20.21
CA GLY A 88 24.84 -11.34 -20.01
C GLY A 88 25.15 -10.30 -21.08
N PHE A 89 25.34 -10.72 -22.32
CA PHE A 89 25.75 -9.82 -23.38
C PHE A 89 24.68 -9.77 -24.46
N CYS A 90 24.10 -8.60 -24.66
CA CYS A 90 23.19 -8.42 -25.77
C CYS A 90 23.90 -8.71 -27.07
N ASP A 91 23.25 -9.50 -27.93
CA ASP A 91 23.87 -9.73 -29.23
C ASP A 91 23.58 -8.59 -30.20
N LEU A 92 22.41 -7.97 -30.11
CA LEU A 92 22.05 -6.93 -31.07
C LEU A 92 23.00 -5.74 -30.95
N LYS A 93 23.31 -5.34 -29.73
CA LYS A 93 24.24 -4.24 -29.52
C LYS A 93 25.57 -4.57 -30.17
N GLY A 94 25.93 -3.84 -31.22
CA GLY A 94 27.16 -4.05 -31.94
C GLY A 94 26.99 -4.20 -33.43
N LYS A 95 25.76 -4.29 -33.93
CA LYS A 95 25.51 -4.56 -35.33
C LYS A 95 24.36 -3.70 -35.84
N TYR A 96 24.06 -3.86 -37.13
CA TYR A 96 22.89 -3.27 -37.76
C TYR A 96 21.87 -4.35 -38.09
N VAL A 97 20.60 -4.03 -37.83
CA VAL A 97 19.48 -4.93 -38.07
C VAL A 97 18.86 -4.57 -39.40
N GLN A 98 18.48 -5.59 -40.16
CA GLN A 98 17.81 -5.39 -41.44
C GLN A 98 16.41 -5.98 -41.37
N ILE A 99 15.42 -5.12 -41.15
CA ILE A 99 14.02 -5.53 -41.07
C ILE A 99 13.46 -5.64 -42.47
N PRO A 100 12.65 -6.65 -42.77
CA PRO A 100 11.82 -6.60 -43.98
C PRO A 100 10.94 -5.36 -43.96
N THR A 101 10.84 -4.71 -45.12
CA THR A 101 10.28 -3.36 -45.18
C THR A 101 8.78 -3.31 -44.98
N THR A 102 8.08 -4.44 -44.84
CA THR A 102 6.64 -4.38 -44.62
C THR A 102 6.31 -4.09 -43.17
N CYS A 103 6.95 -4.77 -42.23
CA CYS A 103 6.74 -4.57 -40.81
C CYS A 103 7.71 -3.53 -40.28
N ALA A 104 8.17 -2.65 -41.16
CA ALA A 104 9.27 -1.74 -40.86
C ALA A 104 8.91 -0.71 -39.79
N ASN A 105 7.65 -0.54 -39.45
CA ASN A 105 7.29 0.54 -38.55
C ASN A 105 7.62 0.24 -37.10
N ASP A 106 7.33 -0.96 -36.61
CA ASP A 106 7.59 -1.36 -35.23
C ASP A 106 8.76 -2.33 -35.22
N PRO A 107 9.98 -1.82 -35.15
CA PRO A 107 11.14 -2.71 -35.30
C PRO A 107 11.40 -3.54 -34.06
N VAL A 108 11.14 -2.97 -32.88
CA VAL A 108 11.33 -3.73 -31.64
C VAL A 108 10.45 -4.98 -31.64
N GLY A 109 9.31 -4.90 -32.31
CA GLY A 109 8.43 -6.06 -32.38
C GLY A 109 9.08 -7.24 -33.07
N PHE A 110 9.67 -6.99 -34.24
CA PHE A 110 10.11 -8.10 -35.08
C PHE A 110 11.13 -8.98 -34.37
N THR A 111 12.13 -8.38 -33.72
CA THR A 111 13.17 -9.17 -33.10
C THR A 111 12.62 -10.06 -31.99
N LEU A 112 11.51 -9.66 -31.36
CA LEU A 112 10.89 -10.49 -30.35
C LEU A 112 10.32 -11.77 -30.92
N LYS A 113 9.98 -11.77 -32.22
CA LYS A 113 9.29 -12.93 -32.78
C LYS A 113 10.20 -13.89 -33.53
N ASN A 114 10.91 -13.44 -34.56
CA ASN A 114 11.73 -14.34 -35.35
C ASN A 114 13.21 -14.03 -35.19
N THR A 115 14.01 -15.09 -35.22
CA THR A 115 15.44 -15.02 -35.00
C THR A 115 16.17 -15.24 -36.31
N VAL A 116 17.50 -15.29 -36.22
CA VAL A 116 18.36 -15.47 -37.37
C VAL A 116 18.51 -16.96 -37.63
N CYS A 117 18.80 -17.31 -38.87
CA CYS A 117 19.20 -18.67 -39.20
C CYS A 117 20.71 -18.71 -39.37
N THR A 118 21.33 -19.76 -38.85
CA THR A 118 22.77 -19.90 -38.94
C THR A 118 23.21 -20.80 -40.07
N VAL A 119 22.39 -20.97 -41.10
CA VAL A 119 22.78 -21.76 -42.25
C VAL A 119 23.02 -20.88 -43.48
N CYS A 120 22.41 -19.70 -43.52
CA CYS A 120 22.62 -18.76 -44.60
C CYS A 120 22.85 -17.36 -44.07
N GLY A 121 22.39 -17.12 -42.84
CA GLY A 121 22.48 -15.81 -42.22
C GLY A 121 21.32 -14.88 -42.53
N MET A 122 20.12 -15.41 -42.74
CA MET A 122 18.94 -14.60 -42.96
C MET A 122 17.87 -14.96 -41.93
N TRP A 123 16.95 -14.03 -41.71
CA TRP A 123 15.84 -14.27 -40.81
C TRP A 123 14.98 -15.40 -41.37
N LYS A 124 14.92 -16.51 -40.63
CA LYS A 124 14.32 -17.72 -41.18
C LYS A 124 12.84 -17.51 -41.48
N GLY A 125 12.43 -17.92 -42.67
CA GLY A 125 11.04 -17.78 -43.07
C GLY A 125 10.70 -16.52 -43.83
N TYR A 126 11.64 -15.58 -43.95
CA TYR A 126 11.43 -14.29 -44.61
C TYR A 126 12.46 -14.08 -45.70
N GLY A 127 12.65 -15.10 -46.53
CA GLY A 127 13.65 -15.06 -47.57
C GLY A 127 14.79 -16.02 -47.34
N CYS A 128 14.86 -16.65 -46.18
CA CYS A 128 15.89 -17.64 -45.88
C CYS A 128 15.57 -18.89 -46.66
N SER A 129 15.86 -18.86 -47.96
CA SER A 129 15.41 -19.87 -48.90
C SER A 129 16.22 -21.14 -48.67
N CYS A 130 15.96 -21.77 -47.53
CA CYS A 130 16.46 -23.11 -47.24
C CYS A 130 15.38 -24.16 -47.47
N ASP A 131 14.57 -23.94 -48.50
CA ASP A 131 13.49 -24.84 -48.89
C ASP A 131 13.90 -26.30 -48.87
N GLU B 1 7.92 21.39 -25.10
CA GLU B 1 8.93 20.48 -24.59
C GLU B 1 9.09 19.27 -25.50
N ASN B 2 8.09 18.39 -25.47
CA ASN B 2 8.09 17.16 -26.25
C ASN B 2 9.29 16.29 -25.93
N VAL B 3 9.98 16.56 -24.83
CA VAL B 3 11.04 15.70 -24.35
C VAL B 3 10.86 15.54 -22.84
N THR B 4 11.03 14.31 -22.38
CA THR B 4 10.67 13.93 -21.02
C THR B 4 11.93 13.93 -20.17
N GLY B 5 11.79 13.50 -18.91
CA GLY B 5 12.92 13.36 -18.04
C GLY B 5 13.34 11.93 -17.80
N LEU B 6 12.51 10.96 -18.18
CA LEU B 6 12.85 9.56 -18.00
C LEU B 6 14.08 9.20 -18.81
N PHE B 7 14.97 8.43 -18.20
CA PHE B 7 16.19 7.95 -18.85
C PHE B 7 17.07 9.09 -19.34
N LYS B 8 16.98 10.24 -18.71
CA LYS B 8 17.88 11.35 -19.03
C LYS B 8 19.31 10.97 -18.69
N ASP B 9 20.22 11.20 -19.62
CA ASP B 9 21.63 10.96 -19.35
C ASP B 9 22.10 11.83 -18.21
N CYS B 10 22.71 11.21 -17.20
CA CYS B 10 23.40 11.93 -16.16
C CYS B 10 24.90 11.94 -16.36
N SER B 11 25.37 11.78 -17.59
CA SER B 11 26.79 11.64 -17.85
C SER B 11 27.50 12.98 -17.79
N LYS B 12 28.69 12.97 -17.21
CA LYS B 12 29.55 14.15 -17.21
C LYS B 12 30.54 14.14 -18.35
N VAL B 13 30.18 13.55 -19.47
CA VAL B 13 31.02 13.55 -20.65
C VAL B 13 30.32 14.34 -21.75
N ILE B 14 31.10 15.07 -22.54
CA ILE B 14 30.50 16.00 -23.49
C ILE B 14 29.92 15.25 -24.69
N THR B 15 30.59 14.20 -25.15
CA THR B 15 30.22 13.58 -26.41
C THR B 15 28.91 12.82 -26.30
N GLY B 16 28.33 12.51 -27.46
CA GLY B 16 27.15 11.69 -27.57
C GLY B 16 27.51 10.31 -28.06
N LEU B 17 26.53 9.54 -28.53
CA LEU B 17 26.73 8.10 -28.74
C LEU B 17 26.73 7.74 -30.22
N HIS B 18 27.39 6.62 -30.50
CA HIS B 18 27.49 6.06 -31.84
C HIS B 18 26.10 5.60 -32.31
N PRO B 19 25.93 5.28 -33.60
CA PRO B 19 24.65 4.67 -34.01
C PRO B 19 24.26 3.46 -33.19
N THR B 20 25.10 2.43 -33.18
CA THR B 20 24.92 1.36 -32.21
C THR B 20 25.21 1.92 -30.81
N GLN B 21 24.99 1.08 -29.81
CA GLN B 21 25.15 1.46 -28.40
C GLN B 21 24.49 2.81 -28.11
N ALA B 22 23.40 3.12 -28.82
CA ALA B 22 22.62 4.32 -28.58
C ALA B 22 21.15 3.96 -28.49
N PRO B 23 20.48 4.29 -27.40
CA PRO B 23 19.07 3.93 -27.28
C PRO B 23 18.14 4.60 -28.30
N THR B 24 18.12 5.92 -28.38
CA THR B 24 17.09 6.61 -29.15
C THR B 24 17.70 7.65 -30.08
N HIS B 25 16.84 8.26 -30.88
CA HIS B 25 17.24 9.28 -31.83
C HIS B 25 17.96 10.44 -31.16
N LEU B 26 17.62 10.74 -29.91
CA LEU B 26 18.24 11.84 -29.19
C LEU B 26 19.55 11.47 -28.55
N SER B 27 19.75 10.18 -28.22
CA SER B 27 20.99 9.77 -27.59
C SER B 27 22.14 9.69 -28.58
N VAL B 28 21.86 9.65 -29.88
CA VAL B 28 22.91 9.71 -30.87
C VAL B 28 23.56 11.09 -30.86
N ASP B 29 24.88 11.13 -30.97
CA ASP B 29 25.57 12.42 -30.93
C ASP B 29 25.21 13.26 -32.15
N THR B 30 25.57 14.54 -32.08
CA THR B 30 25.21 15.49 -33.12
C THR B 30 26.03 15.33 -34.38
N LYS B 31 27.11 14.54 -34.34
CA LYS B 31 28.04 14.52 -35.46
C LYS B 31 27.42 13.90 -36.71
N PHE B 32 26.76 12.75 -36.57
CA PHE B 32 26.30 12.00 -37.73
C PHE B 32 25.06 12.57 -38.37
N LYS B 33 24.32 13.44 -37.69
CA LYS B 33 22.95 13.74 -38.08
C LYS B 33 22.96 14.60 -39.33
N THR B 34 22.75 13.95 -40.48
CA THR B 34 22.51 14.62 -41.76
C THR B 34 21.18 14.13 -42.31
N GLU B 35 20.27 15.06 -42.58
CA GLU B 35 18.91 14.75 -43.03
C GLU B 35 18.19 13.90 -42.00
N GLY B 36 18.20 14.35 -40.75
CA GLY B 36 17.46 13.70 -39.68
C GLY B 36 17.66 12.20 -39.59
N LEU B 37 18.71 11.68 -40.20
CA LEU B 37 18.91 10.24 -40.30
C LEU B 37 20.41 9.99 -40.24
N CYS B 38 20.86 9.28 -39.21
CA CYS B 38 22.28 9.12 -38.99
C CYS B 38 22.92 8.28 -40.09
N VAL B 39 24.22 8.49 -40.30
CA VAL B 39 25.01 7.72 -41.26
C VAL B 39 26.37 7.43 -40.64
N ASP B 40 26.81 6.19 -40.77
CA ASP B 40 28.03 5.72 -40.11
C ASP B 40 29.24 6.05 -40.98
N ILE B 41 29.91 7.14 -40.63
CA ILE B 41 31.19 7.48 -41.25
C ILE B 41 32.17 6.37 -40.88
N PRO B 42 33.09 6.00 -41.77
CA PRO B 42 34.08 4.97 -41.41
C PRO B 42 34.97 5.36 -40.25
N GLY B 43 35.18 6.66 -40.02
CA GLY B 43 36.23 7.08 -39.12
C GLY B 43 35.98 6.77 -37.66
N ILE B 44 34.98 7.40 -37.06
CA ILE B 44 34.87 7.50 -35.60
C ILE B 44 34.65 6.09 -35.04
N PRO B 45 35.59 5.56 -34.27
CA PRO B 45 35.39 4.23 -33.69
C PRO B 45 34.43 4.29 -32.50
N LYS B 46 33.58 3.29 -32.41
CA LYS B 46 32.63 3.23 -31.31
C LYS B 46 33.35 2.86 -30.02
N ASP B 47 32.82 3.36 -28.92
CA ASP B 47 33.52 3.30 -27.65
C ASP B 47 33.53 1.88 -27.12
N MET B 48 34.63 1.50 -26.50
CA MET B 48 34.72 0.27 -25.74
C MET B 48 34.95 0.51 -24.27
N THR B 49 35.34 1.73 -23.89
CA THR B 49 35.58 2.09 -22.50
C THR B 49 34.63 3.21 -22.12
N TYR B 50 33.44 2.84 -21.68
CA TYR B 50 32.55 3.85 -21.14
C TYR B 50 31.58 3.19 -20.17
N ARG B 51 31.33 3.89 -19.07
CA ARG B 51 30.23 3.62 -18.18
C ARG B 51 29.47 4.93 -18.02
N ARG B 52 28.16 4.85 -17.98
CA ARG B 52 27.33 6.04 -18.05
C ARG B 52 26.02 5.81 -17.32
N LEU B 53 25.52 6.84 -16.69
CA LEU B 53 24.45 6.71 -15.69
C LEU B 53 23.11 7.07 -16.31
N ILE B 54 22.08 6.33 -15.94
CA ILE B 54 20.74 6.49 -16.49
C ILE B 54 19.80 6.95 -15.39
N SER B 55 18.97 7.94 -15.70
CA SER B 55 18.11 8.56 -14.69
C SER B 55 16.76 7.88 -14.66
N MET B 56 16.55 7.01 -13.69
CA MET B 56 15.26 6.36 -13.53
C MET B 56 14.30 7.26 -12.75
N MET B 57 14.10 8.49 -13.21
CA MET B 57 13.24 9.43 -12.51
C MET B 57 12.03 9.78 -13.37
N GLY B 58 10.85 9.73 -12.76
CA GLY B 58 9.66 10.19 -13.43
C GLY B 58 8.94 9.14 -14.25
N PHE B 59 8.62 8.01 -13.63
CA PHE B 59 7.86 6.98 -14.30
C PHE B 59 6.42 7.46 -14.53
N LYS B 60 5.62 6.60 -15.17
CA LYS B 60 4.22 6.93 -15.38
C LYS B 60 3.45 5.64 -15.62
N MET B 61 2.51 5.34 -14.73
CA MET B 61 1.73 4.10 -14.82
C MET B 61 0.27 4.49 -15.03
N ASN B 62 -0.10 4.68 -16.30
CA ASN B 62 -1.42 5.14 -16.67
C ASN B 62 -1.99 4.31 -17.82
N TYR B 63 -1.82 3.00 -17.76
CA TYR B 63 -2.29 2.13 -18.81
C TYR B 63 -3.62 1.48 -18.43
N GLN B 64 -4.15 0.68 -19.34
CA GLN B 64 -5.22 -0.28 -19.01
C GLN B 64 -5.08 -1.47 -19.95
N VAL B 65 -4.43 -2.53 -19.48
CA VAL B 65 -4.10 -3.68 -20.31
C VAL B 65 -5.07 -4.80 -19.96
N ASN B 66 -5.21 -5.77 -20.88
CA ASN B 66 -6.33 -6.69 -20.79
C ASN B 66 -6.19 -7.67 -19.63
N GLY B 67 -4.99 -7.85 -19.11
CA GLY B 67 -4.82 -8.88 -18.10
C GLY B 67 -4.24 -8.41 -16.79
N TYR B 68 -3.48 -7.33 -16.81
CA TYR B 68 -2.72 -6.92 -15.66
C TYR B 68 -3.51 -5.91 -14.86
N PRO B 69 -3.51 -5.98 -13.54
CA PRO B 69 -4.33 -5.05 -12.77
C PRO B 69 -3.63 -3.72 -12.59
N ASN B 70 -4.36 -2.76 -12.06
CA ASN B 70 -3.83 -1.41 -11.95
C ASN B 70 -3.02 -1.25 -10.66
N MET B 71 -1.89 -0.56 -10.79
CA MET B 71 -1.12 -0.17 -9.61
C MET B 71 -1.83 0.93 -8.84
N PHE B 72 -2.20 2.00 -9.52
CA PHE B 72 -2.83 3.13 -8.86
C PHE B 72 -4.33 2.90 -8.76
N ILE B 73 -4.86 2.90 -7.54
CA ILE B 73 -6.26 2.56 -7.30
C ILE B 73 -7.00 3.83 -6.88
N THR B 74 -8.32 3.69 -6.78
CA THR B 74 -9.19 4.78 -6.39
C THR B 74 -9.36 4.81 -4.87
N ARG B 75 -9.85 5.94 -4.37
CA ARG B 75 -10.13 6.05 -2.95
C ARG B 75 -11.30 5.17 -2.53
N GLU B 76 -12.19 4.83 -3.46
CA GLU B 76 -13.35 4.01 -3.10
C GLU B 76 -12.91 2.62 -2.69
N GLU B 77 -12.05 1.99 -3.48
CA GLU B 77 -11.57 0.67 -3.12
C GLU B 77 -10.40 0.74 -2.15
N ALA B 78 -9.70 1.88 -2.13
CA ALA B 78 -8.68 2.07 -1.11
C ALA B 78 -9.30 2.14 0.28
N ILE B 79 -10.49 2.74 0.40
CA ILE B 79 -11.14 2.77 1.70
C ILE B 79 -11.64 1.39 2.09
N ARG B 80 -12.12 0.61 1.12
CA ARG B 80 -12.47 -0.76 1.43
C ARG B 80 -11.28 -1.60 1.84
N HIS B 81 -10.10 -1.32 1.30
CA HIS B 81 -8.88 -2.04 1.69
C HIS B 81 -8.07 -1.14 2.63
N VAL B 82 -8.48 -1.10 3.88
CA VAL B 82 -7.77 -0.36 4.91
C VAL B 82 -6.82 -1.24 5.71
N ARG B 83 -6.95 -2.55 5.59
CA ARG B 83 -6.05 -3.46 6.29
C ARG B 83 -4.69 -3.58 5.64
N ALA B 84 -4.39 -2.76 4.64
CA ALA B 84 -3.19 -2.98 3.84
C ALA B 84 -2.49 -1.66 3.54
N TRP B 85 -2.57 -0.69 4.44
CA TRP B 85 -1.96 0.62 4.21
C TRP B 85 -0.59 0.65 4.87
N ILE B 86 0.45 0.78 4.06
CA ILE B 86 1.82 0.85 4.56
C ILE B 86 2.44 2.14 4.02
N GLY B 87 2.79 3.04 4.93
CA GLY B 87 3.44 4.27 4.53
C GLY B 87 4.75 4.02 3.83
N PHE B 88 5.17 4.99 3.02
CA PHE B 88 6.40 4.87 2.28
C PHE B 88 6.94 6.27 2.03
N ASP B 89 8.16 6.53 2.49
CA ASP B 89 8.84 7.79 2.19
C ASP B 89 10.32 7.50 2.07
N VAL B 90 10.98 8.11 1.11
CA VAL B 90 12.39 7.86 0.87
C VAL B 90 13.15 9.16 0.97
N GLU B 91 14.47 9.04 1.12
CA GLU B 91 15.35 10.20 1.22
C GLU B 91 16.66 9.85 0.53
N GLY B 92 16.88 10.39 -0.67
CA GLY B 92 18.05 10.03 -1.43
C GLY B 92 19.15 11.08 -1.41
N CYS B 93 20.19 10.86 -2.19
CA CYS B 93 21.31 11.78 -2.29
C CYS B 93 21.55 12.12 -3.76
N HIS B 94 22.31 13.19 -3.99
CA HIS B 94 22.59 13.68 -5.33
C HIS B 94 23.85 13.02 -5.89
N ALA B 95 23.80 12.64 -7.16
CA ALA B 95 24.98 12.14 -7.85
C ALA B 95 25.99 13.27 -8.02
N THR B 96 27.23 13.03 -7.63
CA THR B 96 28.18 14.14 -7.50
C THR B 96 29.35 14.10 -8.48
N ARG B 97 30.12 13.02 -8.53
CA ARG B 97 31.37 12.99 -9.30
C ARG B 97 31.24 11.99 -10.42
N GLU B 98 31.76 12.35 -11.59
CA GLU B 98 31.63 11.60 -12.84
C GLU B 98 30.18 11.28 -13.19
N ALA B 99 29.23 11.98 -12.59
CA ALA B 99 27.83 11.94 -12.99
C ALA B 99 27.12 13.13 -12.36
N VAL B 100 25.99 13.54 -12.89
CA VAL B 100 25.22 14.63 -12.30
C VAL B 100 23.80 14.64 -12.85
N GLY B 101 22.84 14.93 -11.98
CA GLY B 101 21.49 15.18 -12.43
C GLY B 101 20.47 14.14 -12.03
N THR B 102 20.67 13.46 -10.92
CA THR B 102 19.70 12.46 -10.49
C THR B 102 19.83 12.24 -8.99
N ASN B 103 19.01 11.34 -8.47
CA ASN B 103 19.01 10.99 -7.07
C ASN B 103 18.98 9.48 -6.90
N LEU B 104 19.56 9.02 -5.79
CA LEU B 104 19.71 7.60 -5.51
C LEU B 104 19.11 7.28 -4.14
N PRO B 105 18.12 6.41 -4.06
CA PRO B 105 17.52 6.08 -2.77
C PRO B 105 18.54 5.64 -1.74
N LEU B 106 18.50 6.27 -0.57
CA LEU B 106 19.44 6.04 0.50
C LEU B 106 18.77 5.56 1.78
N GLN B 107 17.69 6.19 2.19
CA GLN B 107 16.96 5.79 3.38
C GLN B 107 15.53 5.46 3.02
N LEU B 108 15.08 4.29 3.44
CA LEU B 108 13.76 3.77 3.13
C LEU B 108 12.99 3.60 4.43
N GLY B 109 11.93 4.38 4.59
CA GLY B 109 11.11 4.33 5.79
C GLY B 109 9.75 3.74 5.49
N PHE B 110 9.32 2.82 6.34
CA PHE B 110 8.00 2.23 6.22
C PHE B 110 7.21 2.52 7.49
N SER B 111 5.89 2.52 7.36
CA SER B 111 5.01 2.86 8.47
C SER B 111 5.31 2.06 9.73
N THR B 112 5.99 0.92 9.60
CA THR B 112 6.21 0.09 10.79
C THR B 112 7.48 0.50 11.51
N GLY B 113 7.91 1.74 11.33
CA GLY B 113 9.03 2.27 12.07
C GLY B 113 10.33 1.53 11.90
N VAL B 114 10.66 1.10 10.68
CA VAL B 114 11.92 0.45 10.40
C VAL B 114 12.57 1.16 9.24
N ASN B 115 13.65 1.89 9.53
CA ASN B 115 14.45 2.48 8.48
C ASN B 115 15.25 1.39 7.77
N LEU B 116 15.78 1.76 6.61
CA LEU B 116 16.76 0.96 5.90
C LEU B 116 17.75 1.90 5.25
N VAL B 117 19.04 1.69 5.50
CA VAL B 117 20.11 2.48 4.88
C VAL B 117 20.79 1.62 3.82
N ALA B 118 20.80 2.10 2.59
CA ALA B 118 21.27 1.33 1.46
C ALA B 118 22.38 2.07 0.74
N VAL B 119 23.43 1.34 0.36
CA VAL B 119 24.52 1.92 -0.42
C VAL B 119 23.95 2.50 -1.70
N PRO B 120 24.40 3.66 -2.18
CA PRO B 120 23.79 4.25 -3.37
C PRO B 120 24.12 3.49 -4.65
N THR B 121 23.12 2.88 -5.27
CA THR B 121 23.32 2.12 -6.50
C THR B 121 22.36 2.63 -7.56
N GLY B 122 22.90 2.93 -8.74
CA GLY B 122 22.10 3.29 -9.89
C GLY B 122 22.41 2.39 -11.08
N TYR B 123 21.53 2.45 -12.06
CA TYR B 123 21.68 1.65 -13.27
C TYR B 123 22.63 2.38 -14.22
N VAL B 124 23.66 1.68 -14.68
CA VAL B 124 24.75 2.29 -15.42
C VAL B 124 24.95 1.55 -16.73
N ASP B 125 25.26 2.30 -17.79
CA ASP B 125 25.30 1.78 -19.14
C ASP B 125 26.73 1.37 -19.50
N THR B 126 26.87 0.23 -20.15
CA THR B 126 28.18 -0.29 -20.54
C THR B 126 28.21 -0.59 -22.03
N PRO B 127 29.39 -0.83 -22.61
CA PRO B 127 29.44 -1.24 -24.02
C PRO B 127 28.96 -2.65 -24.26
N ASN B 128 28.51 -3.36 -23.23
CA ASN B 128 27.98 -4.70 -23.40
C ASN B 128 26.53 -4.84 -22.94
N ASN B 129 26.18 -4.27 -21.80
CA ASN B 129 24.85 -4.39 -21.24
C ASN B 129 24.66 -3.26 -20.24
N THR B 130 23.64 -3.35 -19.40
CA THR B 130 23.46 -2.41 -18.31
C THR B 130 23.87 -3.09 -17.01
N ASP B 131 24.24 -2.29 -16.03
CA ASP B 131 24.83 -2.79 -14.79
C ASP B 131 24.16 -2.11 -13.60
N PHE B 132 24.44 -2.61 -12.40
CA PHE B 132 23.80 -2.15 -11.17
C PHE B 132 24.89 -2.04 -10.11
N SER B 133 25.49 -0.86 -10.02
CA SER B 133 26.72 -0.70 -9.24
C SER B 133 26.73 0.63 -8.51
N ARG B 134 27.78 0.83 -7.71
CA ARG B 134 27.93 2.02 -6.88
C ARG B 134 27.99 3.28 -7.73
N VAL B 135 27.83 4.42 -7.06
CA VAL B 135 27.92 5.74 -7.69
C VAL B 135 28.49 6.70 -6.67
N SER B 136 29.24 7.69 -7.14
CA SER B 136 29.74 8.74 -6.27
C SER B 136 28.60 9.67 -5.86
N ALA B 137 28.43 9.84 -4.56
CA ALA B 137 27.28 10.56 -4.03
C ALA B 137 27.70 11.51 -2.93
N LYS B 138 26.99 12.63 -2.85
CA LYS B 138 27.21 13.61 -1.79
C LYS B 138 25.87 13.99 -1.19
N PRO B 139 25.78 13.99 0.15
CA PRO B 139 24.52 14.37 0.78
C PRO B 139 24.16 15.80 0.43
N PRO B 140 22.88 16.09 0.19
CA PRO B 140 22.51 17.42 -0.25
C PRO B 140 22.85 18.46 0.80
N PRO B 141 23.06 19.71 0.39
CA PRO B 141 23.31 20.77 1.37
C PRO B 141 22.03 21.34 1.96
N GLY B 142 22.06 21.54 3.27
CA GLY B 142 20.92 22.06 3.99
C GLY B 142 20.98 21.87 5.50
N ASP B 143 20.37 22.81 6.22
CA ASP B 143 20.17 22.70 7.65
C ASP B 143 18.82 22.07 8.01
N GLN B 144 18.08 21.62 7.01
CA GLN B 144 16.86 20.86 7.26
C GLN B 144 17.26 19.42 7.55
N PHE B 145 17.89 18.79 6.57
CA PHE B 145 18.50 17.48 6.73
C PHE B 145 20.00 17.63 7.02
N LYS B 146 20.38 17.33 8.25
CA LYS B 146 21.79 17.27 8.60
C LYS B 146 22.18 15.91 9.14
N HIS B 147 21.24 15.17 9.73
CA HIS B 147 21.52 13.86 10.28
C HIS B 147 22.03 12.90 9.20
N LEU B 148 21.95 13.31 7.93
CA LEU B 148 22.40 12.48 6.83
C LEU B 148 23.91 12.47 6.66
N ILE B 149 24.69 13.00 7.62
CA ILE B 149 26.14 13.09 7.41
C ILE B 149 26.85 11.75 7.54
N PRO B 150 26.61 10.91 8.55
CA PRO B 150 27.26 9.60 8.57
C PRO B 150 26.40 8.49 8.01
N LEU B 151 25.17 8.80 7.62
CA LEU B 151 24.26 7.76 7.13
C LEU B 151 24.72 7.21 5.79
N MET B 152 25.17 8.09 4.89
CA MET B 152 25.69 7.64 3.60
C MET B 152 26.94 6.79 3.77
N TYR B 153 27.78 7.14 4.75
CA TYR B 153 29.10 6.52 4.86
C TYR B 153 29.02 5.05 5.26
N LYS B 154 27.86 4.57 5.70
CA LYS B 154 27.63 3.15 5.92
C LYS B 154 26.49 2.67 5.04
N GLY B 155 26.59 1.42 4.60
CA GLY B 155 25.60 0.91 3.68
C GLY B 155 25.73 -0.56 3.36
N LEU B 156 24.60 -1.24 3.30
CA LEU B 156 24.15 -2.59 3.01
C LEU B 156 23.88 -2.74 1.53
N PRO B 157 24.41 -3.78 0.89
CA PRO B 157 24.19 -3.94 -0.54
C PRO B 157 22.70 -4.10 -0.82
N TRP B 158 22.30 -3.72 -2.03
CA TRP B 158 20.88 -3.69 -2.33
C TRP B 158 20.24 -5.06 -2.34
N ASN B 159 21.01 -6.13 -2.49
CA ASN B 159 20.42 -7.45 -2.43
C ASN B 159 20.03 -7.84 -1.01
N VAL B 160 20.73 -7.35 0.01
CA VAL B 160 20.39 -7.66 1.39
C VAL B 160 19.19 -6.87 1.87
N VAL B 161 19.02 -5.65 1.37
CA VAL B 161 17.90 -4.84 1.83
C VAL B 161 16.60 -5.28 1.17
N ARG B 162 16.67 -5.92 0.01
CA ARG B 162 15.47 -6.47 -0.60
C ARG B 162 14.88 -7.59 0.25
N ILE B 163 15.75 -8.38 0.89
CA ILE B 163 15.26 -9.44 1.77
C ILE B 163 14.60 -8.86 3.00
N LYS B 164 15.10 -7.71 3.48
CA LYS B 164 14.49 -7.11 4.66
C LYS B 164 13.16 -6.47 4.34
N ILE B 165 12.99 -5.95 3.12
CA ILE B 165 11.72 -5.36 2.75
C ILE B 165 10.63 -6.41 2.76
N VAL B 166 10.93 -7.59 2.25
CA VAL B 166 9.97 -8.69 2.35
C VAL B 166 9.94 -9.25 3.76
N GLN B 167 11.10 -9.32 4.42
CA GLN B 167 11.13 -9.75 5.81
C GLN B 167 10.25 -8.86 6.68
N MET B 168 10.23 -7.56 6.41
CA MET B 168 9.39 -6.67 7.19
C MET B 168 7.93 -6.80 6.81
N LEU B 169 7.62 -6.62 5.52
CA LEU B 169 6.23 -6.64 5.09
C LEU B 169 5.57 -7.97 5.38
N SER B 170 6.28 -9.08 5.15
CA SER B 170 5.67 -10.39 5.35
C SER B 170 5.36 -10.66 6.82
N ASP B 171 6.00 -9.91 7.72
CA ASP B 171 5.69 -10.09 9.13
C ASP B 171 4.39 -9.41 9.51
N THR B 172 4.17 -8.19 9.04
CA THR B 172 2.99 -7.46 9.45
C THR B 172 1.74 -7.97 8.75
N LEU B 173 1.72 -7.93 7.43
CA LEU B 173 0.51 -8.17 6.63
C LEU B 173 0.22 -9.66 6.46
N LYS B 174 0.95 -10.54 7.17
CA LYS B 174 0.78 -11.97 6.97
C LYS B 174 -0.64 -12.41 7.27
N ASN B 175 -1.19 -11.98 8.41
CA ASN B 175 -2.54 -12.31 8.81
C ASN B 175 -3.42 -11.09 9.00
N LEU B 176 -3.25 -10.06 8.16
CA LEU B 176 -4.14 -8.92 8.11
C LEU B 176 -4.86 -8.80 6.78
N SER B 177 -4.16 -8.98 5.67
CA SER B 177 -4.76 -8.88 4.35
C SER B 177 -4.02 -9.80 3.39
N ASP B 178 -4.24 -9.60 2.09
CA ASP B 178 -3.50 -10.33 1.08
C ASP B 178 -2.92 -9.39 0.01
N ARG B 179 -2.92 -8.09 0.29
CA ARG B 179 -2.35 -7.12 -0.65
C ARG B 179 -1.69 -6.03 0.16
N VAL B 180 -1.09 -5.07 -0.52
CA VAL B 180 -0.40 -3.97 0.12
C VAL B 180 -0.70 -2.69 -0.64
N VAL B 181 -1.27 -1.71 0.04
CA VAL B 181 -1.63 -0.43 -0.56
C VAL B 181 -0.63 0.60 -0.04
N PHE B 182 0.38 0.89 -0.85
CA PHE B 182 1.39 1.85 -0.45
C PHE B 182 0.83 3.26 -0.52
N VAL B 183 0.85 3.95 0.62
CA VAL B 183 0.41 5.35 0.66
C VAL B 183 1.64 6.23 0.54
N LEU B 184 1.67 7.04 -0.50
CA LEU B 184 2.77 7.95 -0.80
C LEU B 184 2.30 9.39 -0.65
N TRP B 185 3.25 10.32 -0.67
CA TRP B 185 2.89 11.73 -0.64
C TRP B 185 3.38 12.47 -1.88
N ALA B 186 4.52 12.07 -2.42
CA ALA B 186 5.12 12.77 -3.55
C ALA B 186 4.96 12.05 -4.88
N HIS B 187 4.77 10.73 -4.86
CA HIS B 187 4.32 9.97 -6.02
C HIS B 187 5.39 9.82 -7.10
N GLY B 188 6.50 10.54 -6.94
CA GLY B 188 7.52 10.67 -7.96
C GLY B 188 8.70 9.80 -7.61
N PHE B 189 9.69 10.42 -6.97
CA PHE B 189 10.86 9.76 -6.42
C PHE B 189 10.26 9.19 -5.14
N GLU B 190 9.31 8.27 -5.25
CA GLU B 190 8.96 7.02 -4.58
C GLU B 190 8.79 5.88 -5.58
N LEU B 191 8.26 6.16 -6.78
CA LEU B 191 8.27 5.14 -7.83
C LEU B 191 9.69 4.78 -8.25
N THR B 192 10.60 5.76 -8.20
CA THR B 192 11.99 5.48 -8.51
C THR B 192 12.56 4.47 -7.52
N SER B 193 12.17 4.58 -6.26
CA SER B 193 12.64 3.60 -5.27
C SER B 193 11.97 2.25 -5.47
N MET B 194 10.74 2.25 -6.00
CA MET B 194 10.03 0.99 -6.16
C MET B 194 10.62 0.18 -7.31
N LYS B 195 11.27 0.84 -8.27
CA LYS B 195 11.98 0.13 -9.32
C LYS B 195 12.96 -0.88 -8.74
N TYR B 196 13.48 -0.63 -7.55
CA TYR B 196 14.51 -1.48 -7.00
C TYR B 196 13.95 -2.77 -6.42
N PHE B 197 12.66 -2.81 -6.05
CA PHE B 197 12.14 -4.04 -5.47
C PHE B 197 10.72 -4.43 -5.89
N VAL B 198 10.22 -3.97 -7.03
CA VAL B 198 8.85 -4.29 -7.42
C VAL B 198 8.85 -5.06 -8.73
N LYS B 199 7.87 -5.96 -8.88
CA LYS B 199 7.62 -6.65 -10.13
C LYS B 199 6.12 -6.84 -10.31
N ILE B 200 5.63 -6.64 -11.52
CA ILE B 200 4.22 -6.83 -11.83
C ILE B 200 4.05 -7.74 -13.04
N GLY B 201 2.92 -8.43 -13.08
CA GLY B 201 2.60 -9.34 -14.14
C GLY B 201 1.19 -9.87 -14.00
N PRO B 202 0.86 -10.92 -14.73
CA PRO B 202 -0.49 -11.50 -14.62
C PRO B 202 -0.70 -12.13 -13.26
N GLU B 203 -1.96 -12.27 -12.88
CA GLU B 203 -2.30 -12.76 -11.56
C GLU B 203 -1.97 -14.24 -11.45
N ARG B 204 -0.98 -14.56 -10.62
CA ARG B 204 -0.54 -15.93 -10.42
C ARG B 204 -1.11 -16.46 -9.11
N THR B 205 -0.66 -17.64 -8.74
CA THR B 205 -1.13 -18.30 -7.54
C THR B 205 0.06 -18.88 -6.79
N CYS B 206 -0.01 -18.83 -5.47
CA CYS B 206 1.11 -19.31 -4.66
C CYS B 206 1.31 -20.81 -4.85
N CYS B 207 2.44 -21.16 -5.45
CA CYS B 207 2.92 -22.53 -5.43
C CYS B 207 2.98 -23.03 -3.99
N LEU B 208 2.52 -24.25 -3.76
CA LEU B 208 2.47 -24.85 -2.43
C LEU B 208 1.45 -24.14 -1.54
N CYS B 209 0.30 -23.79 -2.13
CA CYS B 209 -0.71 -23.04 -1.41
C CYS B 209 -2.00 -23.02 -2.25
N ASP B 210 -2.94 -22.17 -1.84
CA ASP B 210 -4.15 -21.91 -2.63
C ASP B 210 -4.54 -20.43 -2.69
N ARG B 211 -3.70 -19.51 -2.22
CA ARG B 211 -4.07 -18.12 -2.09
C ARG B 211 -3.71 -17.30 -3.33
N ARG B 212 -3.78 -15.98 -3.18
CA ARG B 212 -3.30 -15.06 -4.19
C ARG B 212 -1.78 -15.03 -4.19
N ALA B 213 -1.19 -14.49 -5.26
CA ALA B 213 0.26 -14.39 -5.33
C ALA B 213 0.71 -12.98 -5.00
N THR B 214 1.56 -12.83 -3.99
CA THR B 214 2.02 -11.50 -3.62
C THR B 214 3.50 -11.39 -3.24
N CYS B 215 4.38 -12.24 -3.76
CA CYS B 215 5.80 -12.11 -3.46
C CYS B 215 6.63 -12.84 -4.51
N PHE B 216 7.70 -12.20 -4.96
CA PHE B 216 8.48 -12.71 -6.07
C PHE B 216 9.81 -13.27 -5.60
N SER B 217 10.29 -14.28 -6.32
CA SER B 217 11.60 -14.88 -6.08
C SER B 217 12.29 -15.08 -7.42
N THR B 218 13.48 -14.52 -7.56
CA THR B 218 14.22 -14.67 -8.80
C THR B 218 15.24 -15.79 -8.75
N ALA B 219 15.41 -16.43 -7.60
CA ALA B 219 16.30 -17.60 -7.53
C ALA B 219 15.58 -18.84 -8.01
N SER B 220 14.52 -19.22 -7.30
CA SER B 220 13.58 -20.21 -7.79
C SER B 220 12.39 -19.46 -8.37
N ASP B 221 12.11 -19.69 -9.64
CA ASP B 221 11.02 -18.97 -10.31
C ASP B 221 9.71 -19.51 -9.75
N THR B 222 9.30 -18.94 -8.63
CA THR B 222 8.02 -19.25 -8.03
C THR B 222 7.53 -18.00 -7.31
N TYR B 223 6.21 -17.84 -7.25
CA TYR B 223 5.63 -16.66 -6.63
C TYR B 223 4.80 -17.12 -5.45
N ALA B 224 4.87 -16.36 -4.36
CA ALA B 224 4.31 -16.83 -3.10
C ALA B 224 3.32 -15.83 -2.53
N CYS B 225 2.36 -16.36 -1.79
CA CYS B 225 1.54 -15.56 -0.90
C CYS B 225 2.38 -15.18 0.31
N TRP B 226 1.76 -14.54 1.30
CA TRP B 226 2.55 -14.04 2.43
C TRP B 226 3.05 -15.16 3.31
N HIS B 227 2.15 -16.04 3.77
CA HIS B 227 2.53 -17.01 4.79
C HIS B 227 3.59 -17.98 4.31
N HIS B 228 3.78 -18.11 2.98
CA HIS B 228 4.73 -19.06 2.43
C HIS B 228 5.93 -18.40 1.78
N SER B 229 6.21 -17.16 2.14
CA SER B 229 7.31 -16.39 1.55
C SER B 229 8.49 -16.39 2.51
N ILE B 230 9.37 -17.36 2.37
CA ILE B 230 10.61 -17.43 3.13
C ILE B 230 11.76 -17.63 2.14
N GLY B 231 12.56 -16.59 1.95
CA GLY B 231 13.69 -16.67 1.06
C GLY B 231 13.51 -15.95 -0.26
N PHE B 232 12.41 -15.23 -0.45
CA PHE B 232 12.13 -14.59 -1.71
C PHE B 232 12.57 -13.13 -1.67
N ASP B 233 12.64 -12.51 -2.84
CA ASP B 233 13.33 -11.22 -2.96
C ASP B 233 12.43 -10.03 -3.30
N TYR B 234 11.70 -10.06 -4.40
CA TYR B 234 10.96 -8.91 -4.89
C TYR B 234 9.54 -8.95 -4.38
N VAL B 235 8.85 -7.82 -4.50
CA VAL B 235 7.43 -7.73 -4.18
C VAL B 235 6.63 -7.87 -5.46
N TYR B 236 5.61 -8.72 -5.43
CA TYR B 236 4.72 -8.85 -6.59
C TYR B 236 3.84 -7.97 -7.46
N ASN B 237 2.83 -7.32 -6.87
CA ASN B 237 1.78 -6.62 -7.60
C ASN B 237 1.43 -5.85 -6.34
N PRO B 238 1.93 -4.64 -6.18
CA PRO B 238 1.44 -3.76 -5.10
C PRO B 238 0.39 -2.79 -5.62
N PHE B 239 -0.24 -2.05 -4.72
CA PHE B 239 -1.12 -0.95 -5.09
C PHE B 239 -0.64 0.30 -4.37
N MET B 240 -0.77 1.45 -5.02
CA MET B 240 -0.31 2.69 -4.41
C MET B 240 -1.28 3.83 -4.65
N ILE B 241 -1.44 4.68 -3.64
CA ILE B 241 -2.28 5.87 -3.72
C ILE B 241 -1.44 7.08 -3.32
N ASP B 242 -1.83 8.25 -3.80
CA ASP B 242 -1.12 9.49 -3.53
C ASP B 242 -2.07 10.45 -2.82
N VAL B 243 -1.65 10.94 -1.65
CA VAL B 243 -2.56 11.67 -0.79
C VAL B 243 -2.71 13.11 -1.26
N GLN B 244 -1.64 13.70 -1.77
CA GLN B 244 -1.68 15.10 -2.16
C GLN B 244 -2.76 15.39 -3.18
N GLN B 245 -3.14 14.41 -3.99
CA GLN B 245 -4.13 14.63 -5.03
C GLN B 245 -5.56 14.64 -4.51
N TRP B 246 -5.75 14.57 -3.19
CA TRP B 246 -7.07 14.66 -2.59
C TRP B 246 -7.45 16.09 -2.25
N GLY B 247 -6.77 17.06 -2.85
CA GLY B 247 -7.11 18.45 -2.66
C GLY B 247 -6.47 19.05 -1.43
N PHE B 248 -5.16 18.88 -1.28
CA PHE B 248 -4.43 19.42 -0.16
C PHE B 248 -3.63 20.62 -0.60
N THR B 249 -3.21 21.45 0.36
CA THR B 249 -2.58 22.73 0.06
C THR B 249 -1.16 22.76 0.61
N GLY B 250 -0.20 23.01 -0.26
CA GLY B 250 1.17 23.23 0.15
C GLY B 250 1.85 21.98 0.68
N ASN B 251 2.87 22.21 1.48
CA ASN B 251 3.76 21.15 1.95
C ASN B 251 3.06 20.26 2.98
N LEU B 252 3.84 19.32 3.52
CA LEU B 252 3.27 18.17 4.23
C LEU B 252 3.10 18.44 5.72
N GLN B 253 4.18 18.80 6.39
CA GLN B 253 4.17 18.81 7.86
C GLN B 253 3.06 19.71 8.39
N SER B 254 2.80 20.82 7.72
CA SER B 254 1.72 21.70 8.14
C SER B 254 0.37 20.99 8.18
N ASN B 255 -0.09 20.45 7.06
CA ASN B 255 -1.45 19.95 6.92
C ASN B 255 -1.76 18.73 7.77
N HIS B 256 -0.78 17.89 8.08
CA HIS B 256 -0.99 16.89 9.11
C HIS B 256 -1.13 17.53 10.48
N ASP B 257 -0.32 18.57 10.73
CA ASP B 257 -0.20 19.12 12.07
C ASP B 257 -1.39 19.97 12.48
N LEU B 258 -2.40 20.10 11.62
CA LEU B 258 -3.64 20.68 12.09
C LEU B 258 -4.43 19.73 12.97
N TYR B 259 -4.37 18.43 12.71
CA TYR B 259 -5.14 17.48 13.49
C TYR B 259 -4.36 16.90 14.66
N CYS B 260 -3.26 16.21 14.40
CA CYS B 260 -2.53 15.48 15.42
C CYS B 260 -1.67 16.43 16.24
N GLN B 261 -1.16 15.92 17.36
CA GLN B 261 -0.21 16.66 18.19
C GLN B 261 0.88 15.76 18.76
N VAL B 262 1.21 14.67 18.07
CA VAL B 262 2.20 13.75 18.60
C VAL B 262 3.31 13.50 17.59
N HIS B 263 2.87 13.11 16.39
CA HIS B 263 3.78 12.80 15.29
C HIS B 263 4.79 13.89 14.96
N GLY B 264 6.07 13.55 15.02
CA GLY B 264 7.12 14.52 14.72
C GLY B 264 8.43 13.77 14.87
N ASN B 265 9.52 14.34 14.35
CA ASN B 265 10.83 13.72 14.48
C ASN B 265 11.82 14.74 13.94
N ALA B 266 13.08 14.34 13.81
CA ALA B 266 14.09 15.25 13.26
C ALA B 266 13.98 15.48 11.76
N HIS B 267 14.34 14.43 11.13
CA HIS B 267 13.78 14.26 9.84
C HIS B 267 13.70 12.87 9.35
N VAL B 268 13.69 11.98 10.19
CA VAL B 268 13.79 10.56 9.93
C VAL B 268 12.79 10.16 8.85
N ALA B 269 13.20 9.27 7.96
CA ALA B 269 12.31 8.78 6.90
C ALA B 269 11.19 7.92 7.45
N SER B 270 11.38 7.34 8.64
CA SER B 270 10.29 6.61 9.28
C SER B 270 9.21 7.56 9.76
N CYS B 271 9.61 8.71 10.32
CA CYS B 271 8.61 9.64 10.82
C CYS B 271 7.87 10.35 9.71
N ASP B 272 8.39 10.31 8.49
CA ASP B 272 7.63 10.79 7.35
C ASP B 272 6.52 9.82 6.96
N ALA B 273 6.76 8.52 7.08
CA ALA B 273 5.76 7.54 6.69
C ALA B 273 4.60 7.51 7.67
N ILE B 274 4.86 7.82 8.93
CA ILE B 274 3.80 7.79 9.94
C ILE B 274 2.80 8.91 9.67
N MET B 275 3.30 10.12 9.37
CA MET B 275 2.40 11.23 9.10
C MET B 275 1.57 11.00 7.85
N THR B 276 2.19 10.46 6.80
CA THR B 276 1.47 10.24 5.56
C THR B 276 0.33 9.27 5.74
N ARG B 277 0.52 8.27 6.60
CA ARG B 277 -0.59 7.37 6.92
C ARG B 277 -1.62 8.06 7.80
N CYS B 278 -1.18 8.81 8.82
CA CYS B 278 -2.11 9.46 9.74
C CYS B 278 -2.97 10.48 9.01
N LEU B 279 -2.49 11.00 7.89
CA LEU B 279 -3.28 11.94 7.11
C LEU B 279 -4.48 11.25 6.48
N ALA B 280 -4.26 10.13 5.80
CA ALA B 280 -5.35 9.47 5.08
C ALA B 280 -6.33 8.84 6.05
N VAL B 281 -5.84 8.34 7.19
CA VAL B 281 -6.73 7.76 8.19
C VAL B 281 -7.67 8.81 8.74
N HIS B 282 -7.14 9.99 9.10
CA HIS B 282 -7.99 11.10 9.47
C HIS B 282 -8.89 11.51 8.31
N GLU B 283 -8.29 11.90 7.19
CA GLU B 283 -9.05 12.40 6.06
C GLU B 283 -10.20 11.48 5.69
N CYS B 284 -9.98 10.18 5.70
CA CYS B 284 -11.02 9.27 5.27
C CYS B 284 -12.00 8.91 6.38
N PHE B 285 -11.51 8.40 7.50
CA PHE B 285 -12.44 7.90 8.50
C PHE B 285 -12.31 8.52 9.86
N VAL B 286 -12.73 9.76 9.97
CA VAL B 286 -12.75 10.36 11.30
C VAL B 286 -14.04 11.10 11.48
N LYS B 287 -14.84 11.22 10.42
CA LYS B 287 -16.06 11.98 10.73
C LYS B 287 -17.31 11.28 10.21
N ARG B 288 -17.25 9.96 10.04
CA ARG B 288 -18.42 9.21 9.60
C ARG B 288 -18.18 7.73 9.87
N VAL B 289 -19.28 6.99 9.92
CA VAL B 289 -19.27 5.54 9.78
C VAL B 289 -20.24 5.22 8.64
N ASP B 290 -19.71 4.66 7.55
CA ASP B 290 -20.47 4.61 6.30
C ASP B 290 -21.64 3.63 6.36
N TRP B 291 -21.46 2.50 7.06
CA TRP B 291 -22.47 1.46 7.23
C TRP B 291 -22.73 0.70 5.94
N THR B 292 -22.10 1.14 4.84
CA THR B 292 -22.40 0.55 3.54
C THR B 292 -21.24 -0.30 3.02
N ILE B 293 -20.05 -0.14 3.58
CA ILE B 293 -18.89 -0.92 3.17
C ILE B 293 -18.68 -2.00 4.23
N GLU B 294 -19.11 -3.21 3.93
CA GLU B 294 -18.86 -4.33 4.82
C GLU B 294 -17.39 -4.74 4.72
N TYR B 295 -16.94 -5.52 5.69
CA TYR B 295 -15.55 -5.94 5.73
C TYR B 295 -15.47 -7.44 5.94
N PRO B 296 -14.43 -8.09 5.43
CA PRO B 296 -14.29 -9.53 5.60
C PRO B 296 -14.08 -9.90 7.07
N ILE B 297 -14.21 -11.19 7.34
CA ILE B 297 -14.06 -11.71 8.70
C ILE B 297 -12.64 -12.21 8.86
N ILE B 298 -11.90 -11.58 9.77
CA ILE B 298 -10.52 -12.00 10.03
C ILE B 298 -10.47 -13.05 11.12
N GLY B 299 -11.15 -12.78 12.24
CA GLY B 299 -11.20 -13.73 13.35
C GLY B 299 -11.97 -13.21 14.54
N ASP B 300 -12.81 -14.08 15.12
CA ASP B 300 -13.57 -13.80 16.33
C ASP B 300 -14.59 -12.67 16.17
N GLU B 301 -14.87 -12.27 14.93
CA GLU B 301 -15.82 -11.17 14.72
C GLU B 301 -17.21 -11.53 15.25
N LEU B 302 -17.74 -12.68 14.83
CA LEU B 302 -19.07 -13.09 15.24
C LEU B 302 -19.17 -13.22 16.75
N LYS B 303 -18.20 -13.92 17.36
CA LYS B 303 -18.25 -14.14 18.80
C LYS B 303 -18.13 -12.84 19.57
N ILE B 304 -17.20 -11.96 19.16
CA ILE B 304 -17.02 -10.70 19.86
C ILE B 304 -18.28 -9.86 19.78
N ASN B 305 -18.88 -9.78 18.59
CA ASN B 305 -20.10 -9.00 18.43
C ASN B 305 -21.25 -9.59 19.26
N ALA B 306 -21.38 -10.92 19.26
CA ALA B 306 -22.43 -11.55 20.04
C ALA B 306 -22.25 -11.29 21.53
N ALA B 307 -21.01 -11.39 22.02
CA ALA B 307 -20.75 -11.12 23.43
C ALA B 307 -21.05 -9.67 23.77
N CYS B 308 -20.69 -8.74 22.89
CA CYS B 308 -21.00 -7.34 23.13
C CYS B 308 -22.50 -7.11 23.21
N ARG B 309 -23.26 -7.69 22.27
CA ARG B 309 -24.71 -7.56 22.31
C ARG B 309 -25.29 -8.16 23.59
N LYS B 310 -24.79 -9.33 23.99
CA LYS B 310 -25.31 -9.98 25.18
C LYS B 310 -25.06 -9.13 26.43
N VAL B 311 -23.83 -8.65 26.59
CA VAL B 311 -23.51 -7.85 27.77
C VAL B 311 -24.27 -6.53 27.75
N GLN B 312 -24.50 -5.96 26.57
CA GLN B 312 -25.26 -4.72 26.50
C GLN B 312 -26.72 -4.94 26.88
N HIS B 313 -27.35 -5.97 26.32
CA HIS B 313 -28.70 -6.34 26.73
C HIS B 313 -28.78 -6.70 28.20
N MET B 314 -27.66 -7.12 28.79
CA MET B 314 -27.63 -7.54 30.18
C MET B 314 -27.56 -6.36 31.13
N VAL B 315 -26.55 -5.51 30.95
CA VAL B 315 -26.24 -4.49 31.95
C VAL B 315 -27.33 -3.44 32.02
N VAL B 316 -27.90 -3.05 30.88
CA VAL B 316 -28.91 -2.01 30.89
C VAL B 316 -30.19 -2.51 31.56
N LYS B 317 -30.55 -3.77 31.29
CA LYS B 317 -31.69 -4.36 31.98
C LYS B 317 -31.46 -4.43 33.48
N ALA B 318 -30.26 -4.83 33.89
CA ALA B 318 -29.94 -4.89 35.31
C ALA B 318 -30.07 -3.52 35.94
N ALA B 319 -29.50 -2.49 35.28
CA ALA B 319 -29.54 -1.15 35.84
C ALA B 319 -30.96 -0.62 35.97
N LEU B 320 -31.79 -0.83 34.93
CA LEU B 320 -33.14 -0.32 34.99
C LEU B 320 -33.97 -1.05 36.05
N LEU B 321 -33.88 -2.39 36.09
CA LEU B 321 -34.60 -3.14 37.09
C LEU B 321 -34.10 -2.86 38.50
N ALA B 322 -32.87 -2.35 38.64
CA ALA B 322 -32.36 -2.01 39.96
C ALA B 322 -32.83 -0.63 40.41
N ASP B 323 -32.58 0.38 39.59
CA ASP B 323 -32.77 1.76 40.02
C ASP B 323 -34.12 2.36 39.64
N LYS B 324 -34.97 1.62 38.93
CA LYS B 324 -36.32 2.09 38.60
C LYS B 324 -36.28 3.45 37.91
N PHE B 325 -35.40 3.58 36.92
CA PHE B 325 -35.27 4.83 36.20
C PHE B 325 -36.55 5.13 35.44
N PRO B 326 -37.11 6.33 35.56
CA PRO B 326 -38.33 6.66 34.81
C PRO B 326 -38.08 6.75 33.31
N VAL B 327 -37.01 7.44 32.93
CA VAL B 327 -36.68 7.67 31.53
C VAL B 327 -35.27 7.13 31.26
N LEU B 328 -35.11 6.53 30.08
CA LEU B 328 -33.83 6.05 29.61
C LEU B 328 -33.43 6.81 28.36
N HIS B 329 -32.29 7.49 28.42
CA HIS B 329 -31.78 8.21 27.27
C HIS B 329 -30.80 7.32 26.51
N ASP B 330 -30.71 7.54 25.20
CA ASP B 330 -29.89 6.72 24.32
C ASP B 330 -29.21 7.62 23.31
N ILE B 331 -27.89 7.47 23.16
CA ILE B 331 -27.12 8.29 22.24
C ILE B 331 -26.27 7.38 21.37
N GLY B 332 -26.30 7.61 20.05
CA GLY B 332 -25.34 7.01 19.14
C GLY B 332 -25.78 5.77 18.40
N ASN B 333 -26.97 5.25 18.70
CA ASN B 333 -27.49 4.12 17.94
C ASN B 333 -28.06 4.63 16.62
N PRO B 334 -27.43 4.23 15.50
CA PRO B 334 -27.87 4.73 14.20
C PRO B 334 -29.36 4.50 13.97
N LYS B 335 -29.79 3.25 14.04
CA LYS B 335 -31.20 2.93 13.86
C LYS B 335 -31.85 2.71 15.21
N ALA B 336 -33.13 2.36 15.23
CA ALA B 336 -33.82 2.22 16.51
C ALA B 336 -34.00 0.73 16.78
N ILE B 337 -33.00 0.13 17.43
CA ILE B 337 -33.04 -1.27 17.84
C ILE B 337 -33.06 -1.29 19.36
N LYS B 338 -34.20 -1.66 19.94
CA LYS B 338 -34.35 -1.63 21.39
C LYS B 338 -33.58 -2.80 22.00
N CYS B 339 -32.55 -2.47 22.80
CA CYS B 339 -31.74 -3.52 23.43
C CYS B 339 -32.58 -4.37 24.37
N VAL B 340 -33.43 -3.75 25.17
CA VAL B 340 -34.34 -4.47 26.05
C VAL B 340 -35.77 -4.05 25.71
N PRO B 341 -36.44 -4.75 24.79
CA PRO B 341 -37.83 -4.37 24.47
C PRO B 341 -38.77 -4.49 25.64
N GLN B 342 -38.51 -5.42 26.57
CA GLN B 342 -39.41 -5.66 27.69
C GLN B 342 -39.02 -4.77 28.87
N ALA B 343 -39.25 -3.47 28.68
CA ALA B 343 -38.93 -2.46 29.68
C ALA B 343 -40.09 -1.48 29.78
N ASP B 344 -40.03 -0.62 30.80
CA ASP B 344 -41.05 0.39 31.03
C ASP B 344 -40.60 1.80 30.70
N VAL B 345 -39.29 2.03 30.55
CA VAL B 345 -38.80 3.36 30.24
C VAL B 345 -39.24 3.77 28.84
N GLU B 346 -39.33 5.09 28.64
CA GLU B 346 -39.52 5.65 27.32
C GLU B 346 -38.14 5.85 26.70
N TRP B 347 -37.95 5.27 25.52
CA TRP B 347 -36.64 5.18 24.89
C TRP B 347 -36.57 6.25 23.81
N LYS B 348 -36.17 7.46 24.20
CA LYS B 348 -36.06 8.58 23.27
C LYS B 348 -34.71 8.48 22.56
N PHE B 349 -34.63 9.06 21.36
CA PHE B 349 -33.56 8.75 20.42
C PHE B 349 -32.62 9.95 20.31
N TYR B 350 -31.65 10.02 21.22
CA TYR B 350 -30.71 11.14 21.22
C TYR B 350 -29.53 10.80 20.28
N ASP B 351 -29.90 10.51 19.03
CA ASP B 351 -28.97 10.09 18.00
C ASP B 351 -28.15 11.27 17.48
N ALA B 352 -26.96 10.94 16.96
CA ALA B 352 -26.10 11.96 16.39
C ALA B 352 -26.74 12.60 15.17
N GLN B 353 -27.33 11.79 14.29
CA GLN B 353 -27.94 12.29 13.06
C GLN B 353 -28.88 11.22 12.53
N PRO B 354 -29.89 11.60 11.74
CA PRO B 354 -30.83 10.59 11.23
C PRO B 354 -30.17 9.69 10.19
N CYS B 355 -30.29 8.38 10.40
CA CYS B 355 -29.60 7.38 9.58
C CYS B 355 -30.62 6.57 8.79
N SER B 356 -30.98 7.08 7.61
CA SER B 356 -31.71 6.36 6.57
C SER B 356 -33.11 5.91 6.99
N ASP B 357 -33.63 6.40 8.11
CA ASP B 357 -34.97 5.98 8.52
C ASP B 357 -35.57 7.01 9.46
N LYS B 358 -36.85 7.33 9.22
CA LYS B 358 -37.60 8.22 10.10
C LYS B 358 -38.80 7.50 10.74
N ALA B 359 -38.83 6.18 10.67
CA ALA B 359 -40.04 5.43 11.04
C ALA B 359 -40.30 5.49 12.54
N TYR B 360 -39.26 5.44 13.36
CA TYR B 360 -39.43 5.37 14.82
C TYR B 360 -39.19 6.71 15.50
N LYS B 361 -39.21 7.80 14.75
CA LYS B 361 -39.06 9.17 15.28
C LYS B 361 -37.74 9.32 16.04
N ILE B 362 -36.65 9.11 15.31
CA ILE B 362 -35.31 9.35 15.84
C ILE B 362 -35.00 10.84 15.73
N GLU B 363 -34.66 11.47 16.85
CA GLU B 363 -34.36 12.89 16.80
C GLU B 363 -32.84 13.09 16.72
N GLU B 364 -32.44 14.35 16.53
CA GLU B 364 -31.07 14.69 16.17
C GLU B 364 -30.44 15.59 17.22
N LEU B 365 -29.30 15.18 17.77
CA LEU B 365 -28.43 16.09 18.51
C LEU B 365 -27.01 15.56 18.57
N PHE B 366 -26.07 16.49 18.73
CA PHE B 366 -24.68 16.21 19.05
C PHE B 366 -24.45 16.54 20.53
N TYR B 367 -23.58 15.77 21.16
CA TYR B 367 -23.33 15.89 22.59
C TYR B 367 -21.93 16.43 22.84
N SER B 368 -21.84 17.45 23.69
CA SER B 368 -20.58 17.91 24.26
C SER B 368 -20.83 18.21 25.73
N TYR B 369 -19.78 18.05 26.55
CA TYR B 369 -19.96 18.21 27.98
C TYR B 369 -20.29 19.65 28.34
N ALA B 370 -19.50 20.60 27.83
CA ALA B 370 -19.73 22.00 28.17
C ALA B 370 -21.06 22.54 27.64
N THR B 371 -21.64 21.88 26.64
CA THR B 371 -22.90 22.32 26.06
C THR B 371 -24.11 21.67 26.73
N HIS B 372 -24.00 20.38 27.03
CA HIS B 372 -25.11 19.60 27.57
C HIS B 372 -24.85 19.13 29.00
N SER B 373 -24.06 19.90 29.76
CA SER B 373 -23.76 19.52 31.13
C SER B 373 -24.99 19.53 32.02
N ASP B 374 -25.95 20.42 31.73
CA ASP B 374 -27.15 20.55 32.55
C ASP B 374 -28.43 20.36 31.73
N LYS B 375 -28.35 19.67 30.60
CA LYS B 375 -29.55 19.44 29.80
C LYS B 375 -30.27 18.16 30.22
N PHE B 376 -29.53 17.07 30.39
CA PHE B 376 -30.11 15.77 30.75
C PHE B 376 -29.92 15.55 32.24
N THR B 377 -31.00 15.71 33.00
CA THR B 377 -30.97 15.50 34.44
C THR B 377 -31.92 14.40 34.90
N ASP B 378 -32.76 13.88 34.02
CA ASP B 378 -33.73 12.85 34.38
C ASP B 378 -33.26 11.49 33.88
N GLY B 379 -33.43 10.47 34.71
CA GLY B 379 -33.07 9.12 34.33
C GLY B 379 -31.59 8.92 34.12
N VAL B 380 -31.23 8.07 33.15
CA VAL B 380 -29.84 7.74 32.87
C VAL B 380 -29.66 7.66 31.36
N CYS B 381 -28.49 8.06 30.89
CA CYS B 381 -28.20 8.20 29.47
C CYS B 381 -27.30 7.04 29.02
N LEU B 382 -27.69 6.38 27.94
CA LEU B 382 -26.96 5.22 27.43
C LEU B 382 -25.99 5.68 26.35
N PHE B 383 -24.72 5.82 26.72
CA PHE B 383 -23.66 6.17 25.76
C PHE B 383 -22.90 4.92 25.31
N TRP B 384 -23.57 4.07 24.55
CA TRP B 384 -22.89 2.91 23.98
C TRP B 384 -22.11 3.35 22.74
N ASN B 385 -20.79 3.16 22.78
CA ASN B 385 -19.91 3.47 21.65
C ASN B 385 -20.03 4.94 21.23
N CYS B 386 -20.13 5.83 22.21
CA CYS B 386 -20.14 7.26 21.92
C CYS B 386 -18.72 7.83 21.98
N ASN B 387 -18.59 9.05 21.47
CA ASN B 387 -17.29 9.67 21.25
C ASN B 387 -17.17 11.02 21.95
N VAL B 388 -18.02 11.30 22.93
CA VAL B 388 -18.00 12.62 23.57
C VAL B 388 -16.76 12.75 24.44
N ASP B 389 -16.32 13.99 24.64
CA ASP B 389 -15.13 14.25 25.44
C ASP B 389 -15.32 13.80 26.89
N ARG B 390 -16.49 14.06 27.46
CA ARG B 390 -16.77 13.74 28.85
C ARG B 390 -18.22 13.31 29.01
N TYR B 391 -18.45 12.27 29.82
CA TYR B 391 -19.77 11.72 30.03
C TYR B 391 -20.39 12.29 31.31
N PRO B 392 -21.72 12.44 31.34
CA PRO B 392 -22.36 13.00 32.54
C PRO B 392 -22.38 12.03 33.71
N ALA B 393 -22.95 12.45 34.83
CA ALA B 393 -22.88 11.70 36.08
C ALA B 393 -23.81 10.50 36.12
N ASN B 394 -24.78 10.41 35.20
CA ASN B 394 -25.73 9.29 35.15
C ASN B 394 -25.64 8.66 33.76
N SER B 395 -24.85 7.60 33.64
CA SER B 395 -24.54 7.08 32.32
C SER B 395 -24.10 5.63 32.42
N ILE B 396 -24.34 4.88 31.34
CA ILE B 396 -23.80 3.54 31.15
C ILE B 396 -22.93 3.62 29.90
N VAL B 397 -21.62 3.69 30.09
CA VAL B 397 -20.69 3.95 29.01
C VAL B 397 -19.86 2.71 28.72
N CYS B 398 -19.79 2.35 27.44
CA CYS B 398 -18.94 1.26 26.95
C CYS B 398 -18.01 1.85 25.89
N ARG B 399 -16.81 2.24 26.30
CA ARG B 399 -15.85 2.89 25.43
C ARG B 399 -14.71 1.93 25.12
N PHE B 400 -14.31 1.88 23.85
CA PHE B 400 -13.23 1.01 23.41
C PHE B 400 -11.89 1.59 23.86
N ASP B 401 -11.12 0.79 24.59
CA ASP B 401 -9.79 1.20 25.03
C ASP B 401 -8.85 1.12 23.84
N THR B 402 -8.24 2.23 23.47
CA THR B 402 -7.42 2.33 22.28
C THR B 402 -5.96 1.97 22.51
N ARG B 403 -5.56 1.72 23.76
CA ARG B 403 -4.19 1.35 24.07
C ARG B 403 -3.92 -0.13 23.87
N VAL B 404 -4.93 -0.91 23.54
CA VAL B 404 -4.77 -2.34 23.29
C VAL B 404 -4.58 -2.56 21.80
N LEU B 405 -3.51 -3.26 21.44
CA LEU B 405 -3.17 -3.51 20.04
C LEU B 405 -3.48 -4.96 19.68
N SER B 406 -4.16 -5.15 18.56
CA SER B 406 -4.49 -6.48 18.07
C SER B 406 -4.72 -6.40 16.57
N ASN B 407 -4.96 -7.55 15.95
CA ASN B 407 -5.25 -7.59 14.53
C ASN B 407 -6.56 -6.88 14.19
N LEU B 408 -7.42 -6.64 15.17
CA LEU B 408 -8.66 -5.90 14.96
C LEU B 408 -8.46 -4.40 15.11
N ASN B 409 -7.61 -3.97 16.03
CA ASN B 409 -7.47 -2.56 16.38
C ASN B 409 -6.26 -1.99 15.65
N LEU B 410 -6.52 -1.40 14.48
CA LEU B 410 -5.46 -0.74 13.74
C LEU B 410 -5.15 0.63 14.35
N PRO B 411 -3.90 1.09 14.26
CA PRO B 411 -3.58 2.44 14.73
C PRO B 411 -4.30 3.49 13.91
N GLY B 412 -4.66 4.59 14.58
CA GLY B 412 -5.41 5.64 13.94
C GLY B 412 -4.85 7.03 14.14
N CYS B 413 -5.72 8.03 14.15
CA CYS B 413 -5.29 9.43 14.23
C CYS B 413 -5.48 9.98 15.64
N ASP B 414 -4.58 10.90 16.02
CA ASP B 414 -4.68 11.64 17.28
C ASP B 414 -4.74 10.71 18.48
N GLY B 415 -3.93 9.65 18.46
CA GLY B 415 -3.92 8.70 19.56
C GLY B 415 -5.08 7.73 19.50
N GLY B 416 -6.20 8.17 18.94
CA GLY B 416 -7.31 7.27 18.72
C GLY B 416 -6.97 6.20 17.69
N SER B 417 -7.76 5.14 17.69
CA SER B 417 -7.47 3.97 16.89
C SER B 417 -8.69 3.57 16.07
N LEU B 418 -8.43 2.87 14.97
CA LEU B 418 -9.47 2.39 14.06
C LEU B 418 -9.81 0.96 14.41
N TYR B 419 -11.04 0.74 14.88
CA TYR B 419 -11.53 -0.58 15.23
C TYR B 419 -12.38 -1.08 14.06
N VAL B 420 -11.81 -1.95 13.23
CA VAL B 420 -12.47 -2.46 12.04
C VAL B 420 -12.98 -3.86 12.34
N ASN B 421 -14.28 -3.96 12.61
CA ASN B 421 -14.96 -5.23 12.89
C ASN B 421 -16.32 -5.16 12.24
N LYS B 422 -16.42 -5.66 11.00
CA LYS B 422 -17.64 -5.68 10.20
C LYS B 422 -18.03 -4.26 9.81
N HIS B 423 -17.35 -3.28 10.38
CA HIS B 423 -17.56 -1.85 10.13
C HIS B 423 -16.34 -1.12 10.66
N ALA B 424 -16.22 0.15 10.28
CA ALA B 424 -15.07 0.97 10.65
C ALA B 424 -15.50 1.99 11.70
N PHE B 425 -15.04 1.80 12.92
CA PHE B 425 -15.27 2.75 14.02
C PHE B 425 -13.96 3.41 14.36
N HIS B 426 -13.93 4.75 14.30
CA HIS B 426 -12.75 5.53 14.64
C HIS B 426 -12.96 6.15 16.01
N THR B 427 -12.68 5.38 17.03
CA THR B 427 -12.77 5.90 18.39
C THR B 427 -11.56 6.78 18.71
N PRO B 428 -11.77 7.89 19.43
CA PRO B 428 -10.65 8.78 19.77
C PRO B 428 -9.80 8.23 20.90
N ALA B 429 -8.83 9.02 21.36
CA ALA B 429 -7.92 8.55 22.40
C ALA B 429 -8.66 8.27 23.70
N PHE B 430 -8.24 7.20 24.38
CA PHE B 430 -8.83 6.80 25.66
C PHE B 430 -8.08 7.52 26.78
N ASP B 431 -8.73 8.52 27.37
CA ASP B 431 -8.14 9.29 28.46
C ASP B 431 -8.95 9.11 29.74
N LYS B 432 -8.23 9.10 30.87
CA LYS B 432 -8.90 8.96 32.16
C LYS B 432 -9.78 10.15 32.49
N SER B 433 -9.50 11.32 31.92
CA SER B 433 -10.26 12.52 32.24
C SER B 433 -11.73 12.42 31.84
N ALA B 434 -12.06 11.52 30.91
CA ALA B 434 -13.44 11.39 30.47
C ALA B 434 -14.33 10.70 31.49
N PHE B 435 -13.74 9.99 32.45
CA PHE B 435 -14.50 9.18 33.40
C PHE B 435 -14.41 9.73 34.82
N VAL B 436 -14.23 11.05 34.96
CA VAL B 436 -14.17 11.65 36.28
C VAL B 436 -15.51 11.52 37.01
N ASN B 437 -16.62 11.47 36.28
CA ASN B 437 -17.94 11.38 36.87
C ASN B 437 -18.45 9.95 36.97
N LEU B 438 -17.65 8.96 36.56
CA LEU B 438 -18.11 7.59 36.46
C LEU B 438 -17.20 6.69 37.29
N LYS B 439 -17.56 5.40 37.33
CA LYS B 439 -16.74 4.39 37.99
C LYS B 439 -16.80 3.11 37.17
N GLN B 440 -15.93 2.17 37.50
CA GLN B 440 -15.92 0.88 36.84
C GLN B 440 -17.10 0.03 37.32
N LEU B 441 -17.46 -0.97 36.52
CA LEU B 441 -18.56 -1.86 36.86
C LEU B 441 -18.03 -3.21 37.28
N PRO B 442 -18.46 -3.72 38.44
CA PRO B 442 -18.09 -5.09 38.82
C PRO B 442 -18.78 -6.11 37.94
N PHE B 443 -18.25 -7.33 37.98
CA PHE B 443 -18.80 -8.43 37.18
C PHE B 443 -19.90 -9.13 37.96
N PHE B 444 -21.00 -9.42 37.27
CA PHE B 444 -22.16 -10.06 37.90
C PHE B 444 -23.08 -10.60 36.82
N TYR B 445 -24.08 -11.38 37.25
CA TYR B 445 -25.05 -11.97 36.34
C TYR B 445 -26.40 -12.13 37.04
N TYR B 446 -27.42 -11.44 36.53
CA TYR B 446 -28.74 -11.40 37.14
C TYR B 446 -29.79 -11.85 36.14
N SER B 447 -30.43 -12.99 36.42
CA SER B 447 -31.49 -13.50 35.55
C SER B 447 -32.75 -13.74 36.38
N ASP B 448 -33.90 -13.49 35.76
CA ASP B 448 -35.20 -13.76 36.35
C ASP B 448 -35.77 -15.10 35.90
N SER B 449 -35.01 -15.86 35.13
CA SER B 449 -35.49 -17.15 34.65
C SER B 449 -35.67 -18.11 35.81
N PRO B 450 -36.83 -18.76 35.95
CA PRO B 450 -37.01 -19.73 37.03
C PRO B 450 -36.06 -20.91 36.88
N CYS B 451 -35.57 -21.42 38.02
CA CYS B 451 -34.59 -22.48 38.02
C CYS B 451 -35.25 -23.83 37.74
N GLU B 452 -34.64 -24.62 36.86
CA GLU B 452 -35.03 -26.01 36.64
C GLU B 452 -33.95 -26.94 37.18
N SER B 453 -34.31 -28.21 37.29
CA SER B 453 -33.39 -29.21 37.84
C SER B 453 -32.33 -29.61 36.82
N TYR B 464 -20.43 -32.20 35.45
CA TYR B 464 -20.86 -31.07 36.27
C TYR B 464 -19.93 -30.88 37.48
N VAL B 465 -19.59 -29.62 37.75
CA VAL B 465 -18.80 -29.26 38.92
C VAL B 465 -19.52 -28.13 39.65
N PRO B 466 -19.58 -28.16 40.98
CA PRO B 466 -20.27 -27.08 41.71
C PRO B 466 -19.46 -25.80 41.67
N LEU B 467 -20.14 -24.68 41.42
CA LEU B 467 -19.53 -23.36 41.41
C LEU B 467 -20.15 -22.53 42.54
N LYS B 468 -19.29 -21.92 43.35
CA LYS B 468 -19.71 -21.04 44.45
C LYS B 468 -19.11 -19.67 44.21
N SER B 469 -19.90 -18.76 43.65
CA SER B 469 -19.46 -17.40 43.37
C SER B 469 -20.57 -16.43 43.77
N ALA B 470 -20.22 -15.45 44.60
CA ALA B 470 -21.19 -14.43 44.99
C ALA B 470 -21.45 -13.41 43.89
N THR B 471 -20.60 -13.37 42.85
CA THR B 471 -20.83 -12.45 41.75
C THR B 471 -22.13 -12.76 41.01
N CYS B 472 -22.41 -14.05 40.79
CA CYS B 472 -23.67 -14.46 40.20
C CYS B 472 -24.80 -14.27 41.20
N ILE B 473 -25.92 -13.72 40.73
CA ILE B 473 -27.09 -13.52 41.59
C ILE B 473 -28.29 -14.30 41.04
N THR B 474 -28.53 -15.47 41.61
CA THR B 474 -29.72 -16.28 41.39
C THR B 474 -30.19 -16.83 42.72
N ARG B 475 -31.47 -17.17 42.80
CA ARG B 475 -31.98 -17.80 44.03
C ARG B 475 -31.28 -19.13 44.30
N CYS B 476 -30.94 -19.87 43.23
CA CYS B 476 -30.27 -21.16 43.41
C CYS B 476 -28.93 -21.00 44.10
N ASN B 477 -28.10 -20.05 43.64
CA ASN B 477 -26.81 -19.85 44.30
C ASN B 477 -26.95 -19.12 45.63
N LEU B 478 -28.02 -18.34 45.81
CA LEU B 478 -28.35 -17.85 47.13
C LEU B 478 -28.59 -18.99 48.10
N GLY B 479 -29.16 -20.09 47.61
CA GLY B 479 -29.29 -21.30 48.38
C GLY B 479 -27.96 -22.04 48.51
N GLY B 480 -28.00 -23.16 49.23
CA GLY B 480 -26.78 -23.90 49.49
C GLY B 480 -26.25 -24.61 48.26
N ALA B 481 -27.14 -25.05 47.37
CA ALA B 481 -26.77 -25.82 46.19
C ALA B 481 -27.05 -25.02 44.94
N VAL B 482 -26.06 -24.95 44.05
CA VAL B 482 -26.19 -24.22 42.79
C VAL B 482 -26.74 -25.16 41.72
N CYS B 483 -27.62 -24.64 40.88
CA CYS B 483 -28.33 -25.46 39.92
C CYS B 483 -27.63 -25.48 38.58
N ARG B 484 -27.82 -26.59 37.86
CA ARG B 484 -27.31 -26.74 36.50
C ARG B 484 -28.11 -25.94 35.48
N HIS B 485 -29.17 -25.25 35.91
CA HIS B 485 -29.86 -24.28 35.08
C HIS B 485 -29.26 -22.89 35.20
N HIS B 486 -28.25 -22.73 36.05
CA HIS B 486 -27.56 -21.45 36.16
C HIS B 486 -26.05 -21.56 36.10
N ALA B 487 -25.47 -22.74 36.37
CA ALA B 487 -24.01 -22.87 36.29
C ALA B 487 -23.49 -22.61 34.88
N ASN B 488 -24.11 -23.25 33.88
CA ASN B 488 -23.65 -23.06 32.51
C ASN B 488 -23.92 -21.65 32.00
N GLU B 489 -25.04 -21.05 32.41
CA GLU B 489 -25.29 -19.66 32.04
C GLU B 489 -24.24 -18.74 32.65
N TYR B 490 -23.89 -18.99 33.91
CA TYR B 490 -22.86 -18.18 34.57
C TYR B 490 -21.53 -18.32 33.85
N ARG B 491 -21.14 -19.55 33.49
CA ARG B 491 -19.84 -19.72 32.85
C ARG B 491 -19.82 -19.13 31.44
N LEU B 492 -20.94 -19.23 30.71
CA LEU B 492 -20.96 -18.66 29.37
C LEU B 492 -20.94 -17.13 29.43
N TYR B 493 -21.66 -16.54 30.40
CA TYR B 493 -21.57 -15.10 30.57
C TYR B 493 -20.15 -14.68 30.95
N LEU B 494 -19.50 -15.46 31.82
CA LEU B 494 -18.12 -15.16 32.18
C LEU B 494 -17.21 -15.23 30.95
N ASP B 495 -17.44 -16.23 30.09
CA ASP B 495 -16.67 -16.34 28.86
C ASP B 495 -16.86 -15.12 27.99
N ALA B 496 -18.11 -14.69 27.81
CA ALA B 496 -18.39 -13.52 26.98
C ALA B 496 -17.71 -12.28 27.56
N TYR B 497 -17.81 -12.10 28.88
CA TYR B 497 -17.26 -10.91 29.52
C TYR B 497 -15.74 -10.87 29.40
N ASN B 498 -15.08 -11.99 29.68
CA ASN B 498 -13.62 -12.00 29.58
C ASN B 498 -13.17 -11.85 28.13
N MET B 499 -13.90 -12.44 27.19
CA MET B 499 -13.53 -12.28 25.79
C MET B 499 -13.68 -10.82 25.35
N MET B 500 -14.72 -10.13 25.81
CA MET B 500 -14.89 -8.75 25.38
C MET B 500 -13.89 -7.82 26.08
N ILE B 501 -13.55 -8.07 27.34
CA ILE B 501 -12.53 -7.24 27.98
C ILE B 501 -11.18 -7.47 27.32
N SER B 502 -10.90 -8.72 26.91
CA SER B 502 -9.67 -8.97 26.16
C SER B 502 -9.72 -8.30 24.78
N ALA B 503 -10.91 -8.23 24.18
CA ALA B 503 -11.06 -7.49 22.93
C ALA B 503 -10.70 -6.03 23.11
N GLY B 504 -11.12 -5.44 24.23
CA GLY B 504 -10.63 -4.12 24.57
C GLY B 504 -11.68 -3.10 25.01
N PHE B 505 -12.94 -3.52 25.07
CA PHE B 505 -13.97 -2.61 25.53
C PHE B 505 -13.86 -2.38 27.04
N SER B 506 -14.19 -1.16 27.45
CA SER B 506 -14.16 -0.78 28.86
C SER B 506 -15.52 -0.23 29.22
N LEU B 507 -16.09 -0.72 30.32
CA LEU B 507 -17.43 -0.38 30.72
C LEU B 507 -17.44 0.47 31.99
N TRP B 508 -18.31 1.46 32.02
CA TRP B 508 -18.35 2.41 33.13
C TRP B 508 -19.79 2.63 33.56
N VAL B 509 -19.98 2.83 34.86
CA VAL B 509 -21.30 2.97 35.46
C VAL B 509 -21.28 4.19 36.36
N TYR B 510 -22.47 4.74 36.62
CA TYR B 510 -22.60 5.94 37.44
C TYR B 510 -22.14 5.67 38.87
N LYS B 511 -21.97 6.77 39.62
CA LYS B 511 -21.41 6.69 40.97
C LYS B 511 -22.31 5.89 41.90
N GLN B 512 -23.62 6.12 41.83
CA GLN B 512 -24.56 5.56 42.78
C GLN B 512 -24.98 4.12 42.47
N PHE B 513 -24.25 3.43 41.59
CA PHE B 513 -24.57 2.04 41.31
C PHE B 513 -24.28 1.19 42.53
N ASP B 514 -25.28 0.42 42.97
CA ASP B 514 -25.13 -0.50 44.10
C ASP B 514 -25.57 -1.87 43.65
N THR B 515 -24.68 -2.87 43.82
CA THR B 515 -25.03 -4.24 43.47
C THR B 515 -25.96 -4.87 44.49
N TYR B 516 -26.05 -4.32 45.70
CA TYR B 516 -26.94 -4.88 46.71
C TYR B 516 -28.40 -4.55 46.41
N ASN B 517 -28.66 -3.45 45.69
CA ASN B 517 -30.02 -3.07 45.38
C ASN B 517 -30.72 -4.11 44.50
N LEU B 518 -29.96 -4.98 43.85
CA LEU B 518 -30.59 -6.03 43.03
C LEU B 518 -31.13 -7.16 43.89
N TRP B 519 -30.54 -7.37 45.08
CA TRP B 519 -30.92 -8.51 45.91
C TRP B 519 -32.36 -8.42 46.40
N ASN B 520 -32.78 -7.23 46.85
CA ASN B 520 -34.12 -7.10 47.42
C ASN B 520 -35.23 -7.21 46.38
N THR B 521 -34.89 -7.17 45.09
CA THR B 521 -35.91 -7.36 44.06
C THR B 521 -36.51 -8.74 44.12
N PHE B 522 -35.74 -9.74 44.54
CA PHE B 522 -36.23 -11.11 44.67
C PHE B 522 -37.20 -11.22 45.84
ZN ZN E . 20.33 -6.21 -25.48
ZN ZN F . 16.27 -21.43 -43.45
CA CA G . 9.45 12.91 3.07
CA CA H . 7.77 11.39 -0.47
ZN ZN I . 1.19 -20.01 -0.11
ZN ZN J . -0.84 12.38 13.27
ZN ZN K . -31.71 -22.07 38.92
C01 K5X L . 16.90 15.42 -0.39
C02 K5X L . 15.77 14.79 -1.31
C04 K5X L . 14.86 14.29 -0.53
C06 K5X L . 13.60 14.17 -1.54
C07 K5X L . 12.35 13.65 -0.78
C14 K5X L . 15.01 15.76 -2.19
C16 K5X L . 14.48 17.75 -1.16
C17 K5X L . 14.75 19.08 -0.95
C18 K5X L . 15.82 19.62 -1.60
C21 K5X L . 16.23 17.63 -2.56
F03 K5X L . 16.28 13.76 -2.11
N15 K5X L . 15.24 17.05 -1.96
N20 K5X L . 16.54 18.89 -2.38
O05 K5X L . 15.29 12.98 -0.10
O08 K5X L . 11.79 14.74 -0.05
O10 K5X L . 9.69 13.67 1.03
O11 K5X L . 9.95 15.98 0.92
O13 K5X L . 13.49 15.38 -1.94
O19 K5X L . 16.16 20.97 -1.43
O22 K5X L . 16.91 16.97 -3.29
P09 K5X L . 10.16 14.76 0.12
#